data_6YJS
#
_entry.id   6YJS
#
_cell.length_a   46.280
_cell.length_b   67.370
_cell.length_c   91.050
_cell.angle_alpha   108.810
_cell.angle_beta   92.200
_cell.angle_gamma   106.720
#
_symmetry.space_group_name_H-M   'P 1'
#
loop_
_entity.id
_entity.type
_entity.pdbx_description
1 polymer 'Alpha-1,6-mannosylglycoprotein 6-beta-N-acetylglucosaminyltransferase A'
2 branched 2-acetamido-2-deoxy-beta-D-glucopyranose-(1-2)-alpha-D-mannopyranose-(1-3)-[2-acetamido-2-deoxy-beta-D-glucopyranose-(1-2)-alpha-D-mannopyranose-(1-6)]alpha-D-mannopyranose
3 non-polymer 1,2-ETHANEDIOL
4 non-polymer 2-acetamido-2-deoxy-beta-D-glucopyranose
5 non-polymer 'SULFATE ION'
6 water water
#
_entity_poly.entity_id   1
_entity_poly.type   'polypeptide(L)'
_entity_poly.pdbx_seq_one_letter_code
;SLAEIRTDFNILYSMMKKHEEFRWMRLRIRRMADAWIQAIKSLAEKQNLEKRKRKKVLVHLGLLTKESGFKIAETAFSGG
PLGELVQWSDLITSLYLLGHDIRISASLAELKEIMGGGGVELIYIDIVGLAQFKKTLGPSWVHYQCMLRVLDSFGTEPEF
NHANYAQSKGHKTPWGKWNLNPQQFYTMFPHTPDNSFLGFVVEQHLNSSDIHHINEIKRQNQSLVYGKVDSFWKNKKIYL
DIIHTYMEVHATVYGSSTKNIPSYVKNHGILSGRDLQFLLRETKLFVGLGFPYEGPAPLEAIANGCAFLNPKFNPPKSSK
NTDFFIGKPTLRELTSQHPYAEVFIGRPHVWTVDLNNQEEVEDAVKAILNQKIEPYMPYEFTCEGMLQRINAFIEKQDFC
HGQVMWPPLSALQVKLAEPGQSCKQVCQESQLICEPSFFQHLNKDKDMLKYKVTCQSSELAKDILVPSFDPKNKHCVFQG
DLLLFSCAGAHPRHQRVCPCRDFIKGQVALCKDCL
;
_entity_poly.pdbx_strand_id   AAA,BBB
#
# COMPACT_ATOMS: atom_id res chain seq x y z
N SER A 1 43.31 -1.34 -10.83
CA SER A 1 41.91 -1.79 -11.18
C SER A 1 40.92 -0.62 -11.04
N LEU A 2 40.42 -0.11 -12.16
CA LEU A 2 39.70 1.19 -12.22
C LEU A 2 38.19 0.93 -12.16
N ALA A 3 37.48 1.88 -11.57
CA ALA A 3 36.01 1.85 -11.48
C ALA A 3 35.44 2.15 -12.85
N GLU A 4 34.49 1.34 -13.29
CA GLU A 4 33.66 1.58 -14.50
C GLU A 4 32.22 1.76 -14.05
N ILE A 5 31.58 2.83 -14.50
CA ILE A 5 30.16 3.09 -14.16
C ILE A 5 29.30 1.92 -14.64
N ARG A 6 28.25 1.62 -13.88
CA ARG A 6 27.25 0.59 -14.19
C ARG A 6 25.96 1.28 -14.63
N THR A 7 25.28 0.74 -15.65
CA THR A 7 24.01 1.31 -16.21
C THR A 7 22.90 0.23 -16.21
N ASP A 8 23.15 -0.88 -15.54
CA ASP A 8 22.28 -2.07 -15.47
C ASP A 8 22.17 -2.43 -13.98
N PHE A 9 20.96 -2.62 -13.44
CA PHE A 9 20.72 -2.89 -12.00
C PHE A 9 20.63 -4.39 -11.70
N ASN A 10 20.79 -5.26 -12.69
CA ASN A 10 20.58 -6.72 -12.47
C ASN A 10 21.43 -7.19 -11.29
N ILE A 11 22.71 -6.82 -11.22
CA ILE A 11 23.58 -7.31 -10.12
C ILE A 11 23.13 -6.68 -8.80
N LEU A 12 22.72 -5.40 -8.80
CA LEU A 12 22.32 -4.73 -7.55
C LEU A 12 21.12 -5.46 -6.95
N TYR A 13 20.11 -5.73 -7.77
CA TYR A 13 18.89 -6.45 -7.34
C TYR A 13 19.27 -7.79 -6.74
N SER A 14 20.24 -8.50 -7.32
CA SER A 14 20.65 -9.83 -6.83
C SER A 14 21.26 -9.72 -5.43
N MET A 15 21.95 -8.62 -5.15
CA MET A 15 22.61 -8.38 -3.85
C MET A 15 21.57 -8.01 -2.77
N MET A 16 20.59 -7.18 -3.13
CA MET A 16 19.58 -6.69 -2.16
C MET A 16 18.50 -7.76 -1.93
N LYS A 17 18.37 -8.77 -2.79
CA LYS A 17 17.36 -9.86 -2.63
C LYS A 17 17.85 -10.82 -1.54
N LYS A 18 19.10 -10.66 -1.09
CA LYS A 18 19.72 -11.50 -0.03
C LYS A 18 19.32 -10.98 1.36
N HIS A 19 18.68 -9.81 1.47
CA HIS A 19 18.23 -9.23 2.77
C HIS A 19 16.77 -8.76 2.64
N GLU A 20 15.87 -9.40 3.40
CA GLU A 20 14.41 -9.18 3.37
C GLU A 20 14.08 -7.68 3.49
N GLU A 21 14.89 -6.93 4.27
CA GLU A 21 14.59 -5.50 4.60
C GLU A 21 14.74 -4.62 3.36
N PHE A 22 15.47 -5.05 2.32
CA PHE A 22 15.65 -4.24 1.09
C PHE A 22 14.46 -4.38 0.12
N ARG A 23 13.38 -5.10 0.48
CA ARG A 23 12.27 -5.49 -0.45
C ARG A 23 11.70 -4.22 -1.09
N TRP A 24 11.36 -3.23 -0.25
CA TRP A 24 10.66 -2.00 -0.70
C TRP A 24 11.70 -1.01 -1.26
N MET A 25 12.95 -1.16 -0.86
CA MET A 25 14.09 -0.41 -1.46
C MET A 25 14.28 -0.84 -2.92
N ARG A 26 14.24 -2.13 -3.22
CA ARG A 26 14.35 -2.65 -4.60
C ARG A 26 13.20 -2.09 -5.45
N LEU A 27 11.98 -2.06 -4.89
CA LEU A 27 10.79 -1.47 -5.55
C LEU A 27 11.08 0.00 -5.92
N ARG A 28 11.57 0.76 -4.95
CA ARG A 28 11.81 2.21 -5.15
C ARG A 28 12.93 2.41 -6.20
N ILE A 29 13.96 1.59 -6.19
CA ILE A 29 15.06 1.65 -7.20
C ILE A 29 14.48 1.43 -8.58
N ARG A 30 13.61 0.42 -8.75
CA ARG A 30 12.96 0.14 -10.04
C ARG A 30 12.17 1.36 -10.48
N ARG A 31 11.41 1.97 -9.59
CA ARG A 31 10.61 3.17 -9.93
C ARG A 31 11.57 4.26 -10.41
N MET A 32 12.75 4.36 -9.78
CA MET A 32 13.69 5.49 -9.99
C MET A 32 14.80 5.11 -10.98
N ALA A 33 14.81 3.89 -11.52
CA ALA A 33 15.95 3.37 -12.29
C ALA A 33 16.31 4.31 -13.43
N ASP A 34 15.35 4.80 -14.21
CA ASP A 34 15.65 5.64 -15.41
C ASP A 34 16.27 6.95 -14.92
N ALA A 35 15.79 7.49 -13.82
CA ALA A 35 16.37 8.73 -13.22
C ALA A 35 17.85 8.48 -12.85
N TRP A 36 18.14 7.37 -12.22
CA TRP A 36 19.50 7.00 -11.76
C TRP A 36 20.42 6.82 -12.95
N ILE A 37 19.97 6.06 -13.95
CA ILE A 37 20.81 5.74 -15.14
C ILE A 37 21.05 7.01 -15.95
N GLN A 38 20.01 7.83 -16.16
CA GLN A 38 20.14 9.16 -16.83
C GLN A 38 21.19 9.97 -16.07
N ALA A 39 21.16 9.95 -14.74
CA ALA A 39 22.03 10.77 -13.86
C ALA A 39 23.50 10.31 -13.94
N ILE A 40 23.77 9.02 -13.88
CA ILE A 40 25.18 8.54 -13.94
C ILE A 40 25.74 8.84 -15.34
N LYS A 41 24.93 8.70 -16.40
CA LYS A 41 25.39 9.02 -17.79
C LYS A 41 25.65 10.52 -17.95
N SER A 42 24.77 11.37 -17.43
CA SER A 42 24.92 12.84 -17.46
C SER A 42 26.16 13.28 -16.66
N LEU A 43 26.37 12.74 -15.46
CA LEU A 43 27.58 13.10 -14.67
C LEU A 43 28.86 12.73 -15.44
N ALA A 44 28.92 11.55 -16.01
CA ALA A 44 30.07 11.04 -16.77
C ALA A 44 30.36 11.93 -17.99
N GLU A 45 29.37 12.69 -18.48
CA GLU A 45 29.55 13.62 -19.63
C GLU A 45 30.05 14.97 -19.13
N LYS A 46 29.62 15.39 -17.95
CA LYS A 46 29.97 16.70 -17.37
C LYS A 46 31.38 16.68 -16.76
N GLN A 47 31.79 15.55 -16.21
CA GLN A 47 33.01 15.39 -15.39
C GLN A 47 33.71 14.12 -15.81
N ASN A 48 35.04 14.15 -15.78
CA ASN A 48 35.89 12.97 -16.01
C ASN A 48 35.77 11.99 -14.83
N LEU A 49 35.16 10.83 -15.07
CA LEU A 49 34.96 9.74 -14.08
C LEU A 49 35.90 8.61 -14.42
N GLU A 50 36.90 8.88 -15.27
CA GLU A 50 37.96 7.90 -15.63
C GLU A 50 39.06 7.94 -14.57
N LYS A 51 39.82 6.85 -14.45
CA LYS A 51 41.07 6.81 -13.64
C LYS A 51 40.68 6.94 -12.16
N ARG A 52 39.48 6.50 -11.80
CA ARG A 52 39.06 6.37 -10.39
C ARG A 52 39.36 4.93 -10.03
N LYS A 53 40.05 4.72 -8.91
CA LYS A 53 40.31 3.34 -8.44
C LYS A 53 38.98 2.75 -7.97
N ARG A 54 38.74 1.51 -8.36
CA ARG A 54 37.65 0.67 -7.82
C ARG A 54 37.97 0.35 -6.35
N LYS A 55 37.13 0.81 -5.43
CA LYS A 55 37.28 0.56 -3.98
C LYS A 55 36.46 -0.66 -3.58
N LYS A 56 37.02 -1.47 -2.68
CA LYS A 56 36.30 -2.49 -1.89
C LYS A 56 35.69 -1.77 -0.70
N VAL A 57 34.36 -1.74 -0.66
CA VAL A 57 33.59 -0.89 0.30
C VAL A 57 32.78 -1.81 1.18
N LEU A 58 32.96 -1.74 2.50
CA LEU A 58 32.03 -2.39 3.45
C LEU A 58 30.87 -1.41 3.69
N VAL A 59 29.65 -1.91 3.53
CA VAL A 59 28.39 -1.23 3.93
C VAL A 59 27.75 -2.08 5.03
N HIS A 60 27.92 -1.65 6.29
CA HIS A 60 27.43 -2.45 7.44
C HIS A 60 26.22 -1.73 8.03
N LEU A 61 25.04 -2.33 7.88
CA LEU A 61 23.77 -1.72 8.35
C LEU A 61 23.46 -2.27 9.74
N GLY A 62 23.99 -1.61 10.78
CA GLY A 62 23.70 -2.00 12.16
C GLY A 62 22.19 -2.03 12.43
N LEU A 63 21.45 -1.09 11.84
CA LEU A 63 19.98 -1.01 12.09
C LEU A 63 19.25 -2.25 11.54
N LEU A 64 19.80 -3.01 10.60
CA LEU A 64 19.16 -4.24 10.04
C LEU A 64 19.64 -5.49 10.78
N THR A 65 20.49 -5.41 11.80
CA THR A 65 21.04 -6.62 12.48
C THR A 65 20.05 -7.17 13.51
N PRO A 81 12.37 4.57 10.98
CA PRO A 81 13.67 4.61 10.28
C PRO A 81 13.57 4.60 8.75
N LEU A 82 12.40 4.88 8.17
CA LEU A 82 12.20 4.87 6.70
C LEU A 82 13.22 5.83 6.10
N GLY A 83 13.39 7.05 6.61
CA GLY A 83 14.35 8.01 6.03
C GLY A 83 15.75 7.39 5.95
N GLU A 84 16.19 6.75 7.02
CA GLU A 84 17.53 6.12 7.08
C GLU A 84 17.59 4.99 6.07
N LEU A 85 16.51 4.20 5.90
CA LEU A 85 16.49 3.08 4.89
C LEU A 85 16.59 3.64 3.47
N VAL A 86 15.96 4.79 3.22
CA VAL A 86 16.03 5.51 1.93
C VAL A 86 17.49 5.94 1.73
N GLN A 87 18.10 6.57 2.73
CA GLN A 87 19.50 7.06 2.64
C GLN A 87 20.42 5.85 2.35
N TRP A 88 20.29 4.75 3.07
CA TRP A 88 21.15 3.56 2.83
C TRP A 88 20.98 3.07 1.39
N SER A 89 19.73 2.96 0.95
CA SER A 89 19.36 2.52 -0.42
C SER A 89 20.03 3.45 -1.46
N ASP A 90 19.92 4.75 -1.30
CA ASP A 90 20.50 5.72 -2.26
C ASP A 90 22.05 5.71 -2.22
N LEU A 91 22.63 5.55 -1.06
CA LEU A 91 24.10 5.40 -0.90
C LEU A 91 24.55 4.14 -1.63
N ILE A 92 23.93 3.00 -1.34
CA ILE A 92 24.31 1.74 -2.01
C ILE A 92 24.17 1.90 -3.53
N THR A 93 23.09 2.50 -4.01
CA THR A 93 22.82 2.67 -5.45
C THR A 93 23.93 3.55 -6.05
N SER A 94 24.27 4.66 -5.39
CA SER A 94 25.33 5.57 -5.85
C SER A 94 26.67 4.81 -5.97
N LEU A 95 27.06 4.05 -4.96
CA LEU A 95 28.34 3.27 -4.92
C LEU A 95 28.36 2.31 -6.12
N TYR A 96 27.22 1.67 -6.38
CA TYR A 96 27.02 0.65 -7.44
C TYR A 96 27.17 1.32 -8.82
N LEU A 97 26.46 2.41 -9.04
CA LEU A 97 26.52 3.18 -10.32
C LEU A 97 27.93 3.69 -10.57
N LEU A 98 28.65 4.07 -9.51
CA LEU A 98 30.01 4.65 -9.66
C LEU A 98 31.05 3.54 -9.90
N GLY A 99 30.66 2.27 -9.79
CA GLY A 99 31.51 1.12 -10.18
C GLY A 99 32.32 0.51 -9.04
N HIS A 100 32.01 0.84 -7.78
CA HIS A 100 32.77 0.31 -6.61
C HIS A 100 32.33 -1.12 -6.31
N ASP A 101 33.17 -1.80 -5.56
CA ASP A 101 33.02 -3.22 -5.20
C ASP A 101 32.37 -3.27 -3.81
N ILE A 102 31.05 -3.38 -3.76
CA ILE A 102 30.27 -3.21 -2.51
C ILE A 102 30.08 -4.57 -1.86
N ARG A 103 30.35 -4.62 -0.57
CA ARG A 103 30.12 -5.80 0.28
C ARG A 103 29.10 -5.39 1.34
N ILE A 104 27.83 -5.77 1.15
CA ILE A 104 26.71 -5.42 2.06
C ILE A 104 26.67 -6.42 3.22
N SER A 105 26.64 -5.90 4.44
CA SER A 105 26.59 -6.68 5.70
C SER A 105 25.37 -6.23 6.52
N ALA A 106 24.56 -7.19 6.99
CA ALA A 106 23.46 -6.90 7.94
C ALA A 106 23.51 -7.96 9.04
N SER A 107 24.70 -8.47 9.33
CA SER A 107 24.90 -9.45 10.41
C SER A 107 26.31 -9.32 10.93
N LEU A 108 26.52 -9.79 12.16
CA LEU A 108 27.88 -9.88 12.71
C LEU A 108 28.70 -10.86 11.88
N ALA A 109 28.10 -11.97 11.47
CA ALA A 109 28.75 -13.03 10.66
C ALA A 109 29.30 -12.44 9.36
N GLU A 110 28.52 -11.60 8.68
CA GLU A 110 28.93 -10.99 7.39
C GLU A 110 30.07 -10.03 7.64
N LEU A 111 29.90 -9.18 8.65
CA LEU A 111 30.92 -8.17 9.04
C LEU A 111 32.27 -8.88 9.24
N LYS A 112 32.28 -9.95 10.03
CA LYS A 112 33.51 -10.69 10.36
C LYS A 112 34.15 -11.23 9.06
N GLU A 113 33.35 -11.88 8.20
CA GLU A 113 33.79 -12.48 6.93
C GLU A 113 34.41 -11.43 6.03
N ILE A 114 33.73 -10.30 5.83
CA ILE A 114 34.20 -9.25 4.90
C ILE A 114 35.53 -8.68 5.41
N MET A 115 35.60 -8.33 6.70
CA MET A 115 36.78 -7.69 7.31
C MET A 115 37.88 -8.75 7.42
N GLY A 116 37.51 -10.00 7.70
CA GLY A 116 38.41 -11.16 7.75
C GLY A 116 39.17 -11.29 6.43
N GLY A 117 38.49 -11.06 5.31
CA GLY A 117 39.08 -11.15 3.95
C GLY A 117 40.05 -10.02 3.64
N GLY A 118 39.91 -8.87 4.27
CA GLY A 118 40.88 -7.77 4.11
C GLY A 118 40.70 -7.04 2.78
N GLY A 119 41.57 -6.07 2.54
CA GLY A 119 41.51 -5.20 1.35
C GLY A 119 40.38 -4.17 1.45
N VAL A 120 39.68 -4.04 2.58
CA VAL A 120 38.58 -3.03 2.68
C VAL A 120 39.22 -1.66 2.61
N GLU A 121 38.66 -0.75 1.81
CA GLU A 121 39.24 0.60 1.60
C GLU A 121 38.35 1.71 2.15
N LEU A 122 37.09 1.41 2.40
CA LEU A 122 36.08 2.42 2.78
C LEU A 122 34.95 1.69 3.50
N ILE A 123 34.44 2.30 4.57
CA ILE A 123 33.42 1.66 5.43
C ILE A 123 32.30 2.67 5.65
N TYR A 124 31.10 2.32 5.17
CA TYR A 124 29.84 3.05 5.55
C TYR A 124 29.12 2.21 6.62
N ILE A 125 28.83 2.87 7.72
CA ILE A 125 28.28 2.22 8.93
C ILE A 125 27.40 3.21 9.68
N ASP A 126 26.51 2.74 10.54
CA ASP A 126 25.80 3.64 11.48
C ASP A 126 26.49 3.50 12.85
N ILE A 127 26.04 4.29 13.83
CA ILE A 127 26.67 4.27 15.19
C ILE A 127 26.39 2.92 15.88
N VAL A 128 25.18 2.36 15.73
CA VAL A 128 24.87 0.99 16.25
C VAL A 128 25.85 -0.01 15.62
N GLY A 129 26.08 0.08 14.30
CA GLY A 129 26.99 -0.82 13.58
C GLY A 129 28.43 -0.62 14.05
N LEU A 130 28.80 0.61 14.39
CA LEU A 130 30.17 0.93 14.84
C LEU A 130 30.45 0.26 16.19
N ALA A 131 29.47 0.22 17.11
CA ALA A 131 29.59 -0.52 18.39
C ALA A 131 29.86 -1.98 18.07
N GLN A 132 29.18 -2.51 17.06
CA GLN A 132 29.34 -3.93 16.66
C GLN A 132 30.71 -4.17 16.04
N PHE A 133 31.16 -3.23 15.19
CA PHE A 133 32.46 -3.24 14.52
C PHE A 133 33.58 -3.33 15.58
N LYS A 134 33.53 -2.42 16.55
CA LYS A 134 34.53 -2.35 17.65
C LYS A 134 34.52 -3.67 18.43
N LYS A 135 33.34 -4.16 18.79
CA LYS A 135 33.22 -5.39 19.62
C LYS A 135 33.70 -6.60 18.82
N THR A 136 33.31 -6.73 17.55
CA THR A 136 33.63 -7.86 16.67
C THR A 136 35.13 -7.94 16.37
N LEU A 137 35.78 -6.79 16.02
CA LEU A 137 37.17 -6.78 15.48
C LEU A 137 38.19 -6.79 16.62
N GLY A 138 37.81 -6.27 17.79
CA GLY A 138 38.69 -6.12 18.96
C GLY A 138 39.54 -4.86 18.81
N PRO A 139 40.70 -4.77 19.47
CA PRO A 139 41.49 -3.54 19.48
C PRO A 139 41.90 -3.01 18.10
N SER A 140 42.08 -3.88 17.10
CA SER A 140 42.49 -3.44 15.73
C SER A 140 41.33 -2.76 14.99
N TRP A 141 40.16 -2.67 15.59
CA TRP A 141 39.09 -1.86 14.97
C TRP A 141 39.67 -0.46 14.65
N VAL A 142 40.56 0.07 15.48
CA VAL A 142 41.03 1.49 15.29
C VAL A 142 41.94 1.59 14.08
N HIS A 143 42.47 0.47 13.59
CA HIS A 143 43.31 0.43 12.37
C HIS A 143 42.48 0.94 11.19
N TYR A 144 41.15 0.74 11.21
CA TYR A 144 40.22 1.08 10.09
C TYR A 144 39.54 2.41 10.34
N GLN A 145 39.83 3.06 11.47
CA GLN A 145 39.03 4.20 11.95
C GLN A 145 39.00 5.30 10.89
N CYS A 146 40.10 5.59 10.18
CA CYS A 146 40.15 6.74 9.23
C CYS A 146 39.29 6.46 7.98
N MET A 147 38.93 5.18 7.70
CA MET A 147 38.09 4.78 6.55
C MET A 147 36.58 4.81 6.88
N LEU A 148 36.19 5.11 8.11
CA LEU A 148 34.77 5.08 8.54
C LEU A 148 34.06 6.31 8.02
N ARG A 149 32.87 6.11 7.48
CA ARG A 149 31.88 7.18 7.17
C ARG A 149 30.60 6.79 7.87
N VAL A 150 30.18 7.57 8.83
CA VAL A 150 29.22 7.09 9.87
C VAL A 150 27.89 7.78 9.63
N LEU A 151 26.91 7.03 9.17
CA LEU A 151 25.59 7.62 8.86
C LEU A 151 24.91 7.93 10.20
N ASP A 152 24.72 9.23 10.45
CA ASP A 152 24.25 9.80 11.71
C ASP A 152 23.29 10.94 11.36
N SER A 153 22.01 10.66 11.34
CA SER A 153 20.97 11.51 10.73
C SER A 153 21.08 12.92 11.30
N PHE A 154 21.06 13.05 12.64
CA PHE A 154 20.85 14.35 13.34
C PHE A 154 22.17 15.05 13.61
N GLY A 155 23.29 14.37 13.38
CA GLY A 155 24.63 14.96 13.48
C GLY A 155 25.21 14.88 14.89
N THR A 156 26.53 15.01 14.96
CA THR A 156 27.36 14.85 16.18
C THR A 156 28.28 16.06 16.29
N GLU A 157 28.10 16.87 17.34
CA GLU A 157 28.95 18.06 17.48
C GLU A 157 30.22 17.65 18.23
N PRO A 158 31.35 18.36 18.02
CA PRO A 158 32.63 17.97 18.60
C PRO A 158 32.63 17.74 20.12
N GLU A 159 31.82 18.50 20.86
CA GLU A 159 31.82 18.40 22.33
C GLU A 159 31.27 17.05 22.79
N PHE A 160 30.47 16.37 21.98
CA PHE A 160 29.89 15.04 22.29
C PHE A 160 30.77 13.92 21.72
N ASN A 161 31.63 14.20 20.76
CA ASN A 161 32.45 13.18 20.05
C ASN A 161 33.72 12.89 20.86
N HIS A 162 34.26 13.92 21.52
CA HIS A 162 35.47 13.87 22.34
C HIS A 162 35.10 13.21 23.67
N ALA A 163 35.46 11.94 23.86
CA ALA A 163 35.05 11.12 25.02
C ALA A 163 35.32 11.86 26.34
N ASN A 164 36.52 12.42 26.52
CA ASN A 164 36.96 12.95 27.83
C ASN A 164 36.29 14.31 28.05
N TYR A 165 36.18 15.14 27.01
CA TYR A 165 35.54 16.46 27.15
C TYR A 165 34.05 16.26 27.44
N ALA A 166 33.42 15.27 26.82
CA ALA A 166 31.99 14.95 26.96
C ALA A 166 31.72 14.51 28.41
N GLN A 167 32.55 13.62 28.94
CA GLN A 167 32.50 13.19 30.37
C GLN A 167 32.66 14.41 31.27
N SER A 168 33.59 15.30 30.97
CA SER A 168 33.86 16.50 31.80
C SER A 168 32.65 17.41 31.80
N LYS A 169 31.86 17.44 30.72
CA LYS A 169 30.69 18.35 30.62
C LYS A 169 29.43 17.63 31.12
N GLY A 170 29.51 16.36 31.48
CA GLY A 170 28.35 15.59 31.96
C GLY A 170 27.44 15.10 30.85
N HIS A 171 27.93 14.98 29.62
CA HIS A 171 27.13 14.48 28.48
C HIS A 171 27.00 12.97 28.58
N LYS A 172 25.78 12.45 28.75
CA LYS A 172 25.53 11.01 29.00
C LYS A 172 25.13 10.32 27.70
N THR A 173 25.24 11.02 26.56
CA THR A 173 24.82 10.45 25.26
C THR A 173 25.28 9.01 25.13
N PRO A 174 24.41 8.05 24.79
CA PRO A 174 24.88 6.74 24.38
C PRO A 174 25.44 6.69 22.95
N TRP A 175 25.38 7.81 22.21
CA TRP A 175 25.67 7.89 20.75
C TRP A 175 27.06 8.48 20.49
N GLY A 176 27.64 9.20 21.45
CA GLY A 176 28.89 9.96 21.23
C GLY A 176 30.12 9.22 21.75
N LYS A 177 31.18 10.00 21.95
CA LYS A 177 32.49 9.60 22.57
C LYS A 177 33.22 8.60 21.66
N TRP A 178 33.05 8.68 20.33
CA TRP A 178 33.77 7.80 19.37
C TRP A 178 35.15 8.37 19.02
N ASN A 179 35.41 9.64 19.26
CA ASN A 179 36.73 10.29 19.05
C ASN A 179 37.13 10.21 17.56
N LEU A 180 36.16 10.34 16.67
CA LEU A 180 36.40 10.37 15.20
C LEU A 180 36.79 11.77 14.82
N ASN A 181 37.23 11.97 13.59
CA ASN A 181 37.25 13.35 13.01
C ASN A 181 35.77 13.64 12.75
N PRO A 182 35.14 14.69 13.33
CA PRO A 182 33.68 14.84 13.18
C PRO A 182 33.17 14.93 11.72
N GLN A 183 34.03 15.22 10.74
CA GLN A 183 33.63 15.28 9.31
C GLN A 183 33.40 13.85 8.80
N GLN A 184 33.75 12.86 9.60
CA GLN A 184 33.40 11.44 9.25
C GLN A 184 31.92 11.11 9.53
N PHE A 185 31.19 11.92 10.32
CA PHE A 185 29.73 11.75 10.52
C PHE A 185 29.03 12.30 9.26
N TYR A 186 28.15 11.49 8.69
CA TYR A 186 27.40 11.75 7.45
C TYR A 186 25.91 11.99 7.78
N THR A 187 25.41 13.21 7.59
CA THR A 187 24.08 13.68 8.05
C THR A 187 23.03 13.59 6.94
N MET A 188 21.76 13.69 7.36
CA MET A 188 20.57 13.57 6.50
C MET A 188 20.34 14.89 5.74
N PHE A 189 20.63 16.00 6.39
CA PHE A 189 20.54 17.38 5.85
C PHE A 189 21.82 18.11 6.23
N PRO A 190 22.17 19.20 5.50
CA PRO A 190 23.36 19.97 5.83
C PRO A 190 23.13 20.95 6.98
N HIS A 191 22.87 20.42 8.18
CA HIS A 191 22.50 21.22 9.37
C HIS A 191 23.70 21.35 10.33
N THR A 192 24.76 20.55 10.15
CA THR A 192 25.89 20.44 11.10
C THR A 192 27.20 20.53 10.32
N PRO A 193 27.77 21.74 10.12
CA PRO A 193 28.98 21.87 9.33
C PRO A 193 30.23 21.23 9.93
N ASP A 194 30.17 20.82 11.21
CA ASP A 194 31.21 20.01 11.87
C ASP A 194 31.20 18.65 11.17
N ASN A 195 30.09 18.31 10.51
CA ASN A 195 29.91 16.97 9.89
C ASN A 195 29.91 17.13 8.35
N SER A 196 29.80 16.04 7.63
CA SER A 196 29.57 15.99 6.15
C SER A 196 28.08 15.72 5.90
N PHE A 197 27.50 16.39 4.91
CA PHE A 197 26.11 16.16 4.45
C PHE A 197 26.08 14.99 3.46
N LEU A 198 25.40 13.87 3.78
CA LEU A 198 25.22 12.76 2.82
C LEU A 198 23.89 12.91 2.08
N GLY A 199 22.79 13.10 2.81
CA GLY A 199 21.44 13.18 2.26
C GLY A 199 21.02 11.90 1.56
N PHE A 200 20.23 12.08 0.50
CA PHE A 200 19.47 11.03 -0.20
C PHE A 200 18.88 11.68 -1.45
N VAL A 201 18.10 10.93 -2.20
CA VAL A 201 17.42 11.43 -3.40
C VAL A 201 15.93 11.50 -3.13
N VAL A 202 15.33 12.63 -3.49
CA VAL A 202 13.86 12.84 -3.39
C VAL A 202 13.18 12.24 -4.62
N GLU A 203 12.25 11.31 -4.41
CA GLU A 203 11.52 10.69 -5.53
C GLU A 203 10.49 11.69 -6.09
N GLN A 204 10.46 11.92 -7.41
CA GLN A 204 9.49 12.83 -8.07
C GLN A 204 8.61 12.04 -9.04
N ASN A 215 -0.98 20.78 -12.61
CA ASN A 215 -1.82 22.01 -12.44
C ASN A 215 -3.26 21.73 -12.89
N GLU A 216 -3.50 20.65 -13.64
CA GLU A 216 -4.87 20.07 -13.83
C GLU A 216 -5.01 18.85 -12.91
N ILE A 217 -3.90 18.23 -12.50
CA ILE A 217 -3.87 17.09 -11.55
C ILE A 217 -4.25 17.60 -10.16
N LYS A 218 -3.77 18.78 -9.79
CA LYS A 218 -3.76 19.23 -8.38
C LYS A 218 -5.14 19.82 -8.05
N ARG A 219 -5.68 19.41 -6.90
CA ARG A 219 -6.96 19.93 -6.38
C ARG A 219 -6.57 21.10 -5.49
N GLN A 220 -6.91 22.32 -5.92
CA GLN A 220 -6.41 23.57 -5.29
C GLN A 220 -6.78 23.63 -3.79
N ASN A 221 -7.85 22.97 -3.36
CA ASN A 221 -8.37 23.06 -1.98
C ASN A 221 -8.08 21.78 -1.19
N GLN A 222 -7.17 20.92 -1.66
CA GLN A 222 -6.82 19.67 -0.94
C GLN A 222 -5.55 19.90 -0.10
N SER A 223 -5.66 19.75 1.22
CA SER A 223 -4.53 19.69 2.16
C SER A 223 -4.41 18.27 2.72
N LEU A 224 -3.20 17.86 3.05
CA LEU A 224 -2.91 16.50 3.54
C LEU A 224 -2.03 16.65 4.76
N VAL A 225 -2.47 16.08 5.87
CA VAL A 225 -1.74 16.12 7.16
C VAL A 225 -0.56 15.15 7.05
N TYR A 226 0.62 15.64 7.41
CA TYR A 226 1.89 14.88 7.60
C TYR A 226 1.86 14.22 8.98
N GLY A 227 1.78 12.90 9.03
CA GLY A 227 1.67 12.18 10.32
C GLY A 227 0.76 10.99 10.23
N LYS A 228 1.32 9.78 10.41
CA LYS A 228 0.62 8.47 10.23
C LYS A 228 0.08 7.92 11.56
N VAL A 229 0.23 8.63 12.69
CA VAL A 229 -0.25 8.19 14.05
C VAL A 229 -1.11 9.32 14.66
N ASP A 230 -2.17 8.95 15.40
CA ASP A 230 -3.13 9.86 16.08
C ASP A 230 -2.40 10.72 17.12
N SER A 231 -1.37 10.17 17.75
CA SER A 231 -0.51 10.82 18.78
C SER A 231 0.01 12.17 18.26
N PHE A 232 0.53 12.17 17.02
CA PHE A 232 1.08 13.36 16.31
C PHE A 232 0.03 14.49 16.31
N TRP A 233 -1.26 14.15 16.35
CA TRP A 233 -2.41 15.09 16.18
C TRP A 233 -2.84 15.71 17.51
N LYS A 234 -2.24 15.32 18.63
CA LYS A 234 -2.64 15.80 19.98
C LYS A 234 -2.50 17.34 20.05
N ASN A 235 -3.63 18.05 20.21
CA ASN A 235 -3.71 19.48 20.62
C ASN A 235 -3.32 20.39 19.44
N LYS A 236 -3.87 20.07 18.27
CA LYS A 236 -3.63 20.76 16.97
C LYS A 236 -4.96 21.26 16.37
N LYS A 237 -6.06 21.17 17.11
CA LYS A 237 -7.44 21.30 16.58
C LYS A 237 -7.66 22.69 16.00
N ILE A 238 -7.22 23.74 16.71
CA ILE A 238 -7.43 25.14 16.25
C ILE A 238 -6.75 25.32 14.89
N TYR A 239 -5.48 24.88 14.81
CA TYR A 239 -4.64 24.89 13.60
C TYR A 239 -5.42 24.22 12.47
N LEU A 240 -5.83 22.99 12.71
CA LEU A 240 -6.55 22.20 11.69
C LEU A 240 -7.87 22.87 11.36
N ASP A 241 -8.56 23.46 12.34
CA ASP A 241 -9.86 24.14 12.12
C ASP A 241 -9.67 25.34 11.20
N ILE A 242 -8.58 26.08 11.39
CA ILE A 242 -8.25 27.24 10.49
C ILE A 242 -7.98 26.73 9.07
N ILE A 243 -7.19 25.67 8.92
CA ILE A 243 -6.92 25.07 7.58
C ILE A 243 -8.25 24.65 6.96
N HIS A 244 -9.11 24.03 7.76
CA HIS A 244 -10.39 23.42 7.32
C HIS A 244 -11.37 24.50 6.88
N THR A 245 -11.21 25.74 7.29
CA THR A 245 -12.02 26.86 6.77
C THR A 245 -11.83 27.00 5.25
N TYR A 246 -10.64 26.72 4.72
CA TYR A 246 -10.28 27.00 3.31
C TYR A 246 -10.05 25.75 2.48
N MET A 247 -9.75 24.63 3.12
CA MET A 247 -9.29 23.42 2.40
C MET A 247 -9.92 22.18 3.03
N GLU A 248 -10.12 21.16 2.23
CA GLU A 248 -10.37 19.79 2.72
C GLU A 248 -9.10 19.38 3.46
N VAL A 249 -9.26 18.67 4.57
CA VAL A 249 -8.11 18.15 5.36
C VAL A 249 -8.14 16.65 5.20
N HIS A 250 -7.14 16.12 4.52
CA HIS A 250 -6.94 14.69 4.23
C HIS A 250 -5.88 14.16 5.19
N ALA A 251 -5.86 12.84 5.38
CA ALA A 251 -4.90 12.15 6.24
C ALA A 251 -4.63 10.74 5.71
N THR A 252 -3.57 10.13 6.21
CA THR A 252 -3.18 8.72 5.95
C THR A 252 -2.73 8.13 7.29
N VAL A 253 -3.68 7.92 8.19
CA VAL A 253 -3.45 7.68 9.64
C VAL A 253 -3.81 6.22 9.95
N ILE A 261 -7.96 13.54 16.01
CA ILE A 261 -8.24 13.57 14.54
C ILE A 261 -9.68 14.01 14.30
N PRO A 262 -9.94 15.31 14.01
CA PRO A 262 -11.32 15.80 13.89
C PRO A 262 -12.21 15.05 12.89
N SER A 263 -13.53 15.12 13.09
CA SER A 263 -14.56 14.37 12.33
C SER A 263 -14.47 14.66 10.82
N TYR A 264 -14.14 15.92 10.47
CA TYR A 264 -14.08 16.45 9.08
C TYR A 264 -12.86 15.91 8.31
N VAL A 265 -11.86 15.33 8.99
CA VAL A 265 -10.63 14.80 8.32
C VAL A 265 -11.00 13.61 7.42
N LYS A 266 -10.57 13.66 6.16
CA LYS A 266 -10.75 12.58 5.16
C LYS A 266 -9.52 11.65 5.17
N ASN A 267 -9.63 10.53 5.87
CA ASN A 267 -8.56 9.51 6.04
C ASN A 267 -8.54 8.52 4.88
N HIS A 268 -7.40 8.37 4.21
CA HIS A 268 -7.17 7.40 3.10
C HIS A 268 -6.42 6.15 3.60
N GLY A 269 -6.19 6.04 4.92
CA GLY A 269 -5.35 4.99 5.53
C GLY A 269 -3.92 4.99 4.98
N ILE A 270 -3.13 3.97 5.32
CA ILE A 270 -1.70 3.86 4.89
C ILE A 270 -1.68 3.55 3.39
N LEU A 271 -0.80 4.23 2.62
CA LEU A 271 -0.66 4.13 1.13
C LEU A 271 0.81 3.88 0.72
N SER A 272 1.18 4.07 -0.56
CA SER A 272 2.60 4.03 -1.02
C SER A 272 2.82 4.16 -2.55
N GLY A 273 4.04 4.52 -2.93
CA GLY A 273 4.58 4.39 -4.30
C GLY A 273 3.87 5.27 -5.32
N ARG A 274 3.23 4.65 -6.33
CA ARG A 274 2.41 5.37 -7.34
C ARG A 274 1.23 6.05 -6.62
N ASP A 275 0.56 5.35 -5.68
CA ASP A 275 -0.65 5.81 -4.94
C ASP A 275 -0.31 7.11 -4.17
N LEU A 276 0.75 7.07 -3.36
CA LEU A 276 1.19 8.27 -2.60
C LEU A 276 1.69 9.30 -3.59
N GLN A 277 2.39 8.91 -4.64
CA GLN A 277 2.84 9.93 -5.63
C GLN A 277 1.59 10.64 -6.15
N PHE A 278 0.51 9.89 -6.43
CA PHE A 278 -0.77 10.45 -6.95
C PHE A 278 -1.37 11.42 -5.93
N LEU A 279 -1.60 10.93 -4.71
CA LEU A 279 -2.17 11.74 -3.60
C LEU A 279 -1.35 13.03 -3.42
N LEU A 280 0.00 12.96 -3.40
CA LEU A 280 0.83 14.18 -3.26
C LEU A 280 0.73 15.02 -4.52
N ARG A 281 0.75 14.40 -5.71
CA ARG A 281 0.59 15.17 -6.98
C ARG A 281 -0.77 15.87 -6.92
N GLU A 282 -1.77 15.30 -6.23
CA GLU A 282 -3.16 15.82 -6.10
C GLU A 282 -3.28 16.92 -5.03
N THR A 283 -2.34 16.96 -4.10
CA THR A 283 -2.41 17.81 -2.87
C THR A 283 -1.78 19.17 -3.14
N LYS A 284 -2.48 20.24 -2.74
CA LYS A 284 -1.94 21.62 -2.79
C LYS A 284 -1.05 21.86 -1.58
N LEU A 285 -1.45 21.40 -0.38
CA LEU A 285 -0.80 21.76 0.91
C LEU A 285 -0.53 20.52 1.75
N PHE A 286 0.75 20.31 2.11
CA PHE A 286 1.22 19.26 3.04
C PHE A 286 1.38 19.91 4.42
N VAL A 287 0.64 19.42 5.41
CA VAL A 287 0.46 20.12 6.71
C VAL A 287 1.31 19.42 7.77
N GLY A 288 2.33 20.12 8.27
CA GLY A 288 3.18 19.66 9.37
C GLY A 288 2.49 19.90 10.69
N LEU A 289 2.58 18.93 11.61
CA LEU A 289 2.02 19.04 13.00
C LEU A 289 3.11 19.27 14.05
N GLY A 290 4.38 19.14 13.70
CA GLY A 290 5.51 19.39 14.63
C GLY A 290 6.46 18.22 14.67
N PHE A 291 5.96 17.05 14.37
CA PHE A 291 6.72 15.80 14.44
C PHE A 291 6.24 14.98 13.25
N PRO A 292 7.09 14.19 12.55
CA PRO A 292 8.52 14.02 12.88
C PRO A 292 9.45 15.16 12.43
N TYR A 293 10.64 15.19 13.00
CA TYR A 293 11.68 16.22 12.75
C TYR A 293 12.50 15.80 11.54
N GLU A 294 12.70 16.69 10.57
CA GLU A 294 13.75 16.52 9.54
C GLU A 294 13.59 15.19 8.84
N GLY A 295 12.37 14.92 8.39
CA GLY A 295 12.09 13.76 7.54
C GLY A 295 12.26 14.06 6.06
N PRO A 296 12.31 13.01 5.22
CA PRO A 296 12.28 13.19 3.78
C PRO A 296 10.90 13.67 3.24
N ALA A 297 9.78 13.37 3.91
CA ALA A 297 8.43 13.47 3.30
C ALA A 297 8.17 14.92 2.84
N PRO A 298 8.50 15.97 3.61
CA PRO A 298 8.20 17.33 3.15
C PRO A 298 8.92 17.62 1.83
N LEU A 299 10.12 17.04 1.62
CA LEU A 299 10.85 17.31 0.35
C LEU A 299 10.14 16.58 -0.77
N GLU A 300 9.64 15.37 -0.54
CA GLU A 300 8.90 14.61 -1.57
C GLU A 300 7.63 15.42 -1.94
N ALA A 301 6.98 16.03 -0.94
CA ALA A 301 5.78 16.85 -1.18
C ALA A 301 6.15 18.01 -2.10
N ILE A 302 7.21 18.74 -1.77
CA ILE A 302 7.66 19.93 -2.55
C ILE A 302 8.05 19.54 -3.98
N ALA A 303 8.73 18.41 -4.14
CA ALA A 303 9.13 17.86 -5.46
C ALA A 303 7.90 17.58 -6.33
N ASN A 304 6.76 17.26 -5.70
CA ASN A 304 5.48 16.91 -6.37
C ASN A 304 4.54 18.12 -6.33
N GLY A 305 5.03 19.34 -6.11
CA GLY A 305 4.23 20.56 -6.32
C GLY A 305 3.45 21.01 -5.10
N CYS A 306 3.57 20.34 -3.95
CA CYS A 306 2.87 20.75 -2.71
C CYS A 306 3.63 21.90 -2.05
N ALA A 307 2.93 22.81 -1.38
CA ALA A 307 3.54 23.71 -0.39
C ALA A 307 3.52 22.96 0.95
N PHE A 308 4.49 23.23 1.81
CA PHE A 308 4.64 22.61 3.15
C PHE A 308 4.38 23.71 4.18
N LEU A 309 3.41 23.47 5.06
CA LEU A 309 3.14 24.28 6.24
C LEU A 309 4.02 23.71 7.36
N ASN A 310 5.04 24.47 7.73
CA ASN A 310 6.20 24.04 8.56
C ASN A 310 6.08 24.72 9.92
N PRO A 311 5.66 24.01 10.98
CA PRO A 311 5.58 24.61 12.31
C PRO A 311 6.93 25.19 12.79
N LYS A 312 6.88 26.45 13.21
CA LYS A 312 8.01 27.25 13.74
C LYS A 312 8.19 26.91 15.23
N PHE A 313 9.42 26.64 15.66
CA PHE A 313 9.78 26.34 17.06
C PHE A 313 10.46 27.55 17.68
N ASN A 314 9.74 28.20 18.60
CA ASN A 314 10.23 29.31 19.43
C ASN A 314 9.80 29.01 20.87
N PRO A 315 10.72 28.60 21.78
CA PRO A 315 12.15 28.54 21.51
C PRO A 315 12.47 27.35 20.59
N PRO A 316 13.64 27.35 19.93
CA PRO A 316 14.04 26.23 19.08
C PRO A 316 14.18 24.98 19.93
N LYS A 317 13.94 23.84 19.31
CA LYS A 317 13.92 22.55 20.02
C LYS A 317 15.29 21.91 19.97
N SER A 318 15.72 21.34 21.09
CA SER A 318 17.08 20.77 21.24
C SER A 318 17.07 19.71 22.32
N SER A 319 18.21 19.04 22.45
CA SER A 319 18.52 18.06 23.50
C SER A 319 18.34 18.71 24.87
N LYS A 320 18.26 20.04 24.94
CA LYS A 320 18.07 20.82 26.20
C LYS A 320 16.60 21.00 26.60
N ASN A 321 15.61 20.78 25.73
CA ASN A 321 14.21 21.13 26.10
C ASN A 321 13.18 20.19 25.46
N THR A 322 13.63 19.12 24.77
CA THR A 322 12.74 18.23 23.99
C THR A 322 13.13 16.77 24.24
N ASP A 323 12.20 15.98 24.73
CA ASP A 323 12.47 14.58 25.17
C ASP A 323 13.13 13.81 24.03
N PHE A 324 12.61 13.96 22.82
CA PHE A 324 13.08 13.24 21.61
C PHE A 324 14.60 13.41 21.45
N PHE A 325 15.13 14.61 21.77
CA PHE A 325 16.54 14.99 21.51
C PHE A 325 17.46 14.69 22.70
N ILE A 326 16.91 14.36 23.87
CA ILE A 326 17.75 14.11 25.07
C ILE A 326 18.64 12.91 24.76
N GLY A 327 19.93 13.03 25.01
CA GLY A 327 20.85 11.88 24.77
C GLY A 327 21.43 11.89 23.36
N LYS A 328 20.91 12.74 22.44
CA LYS A 328 21.50 12.89 21.07
C LYS A 328 22.80 13.67 21.21
N PRO A 329 23.82 13.30 20.40
CA PRO A 329 25.16 13.87 20.51
C PRO A 329 25.32 15.26 19.88
N THR A 330 24.39 16.17 20.16
CA THR A 330 24.43 17.54 19.62
C THR A 330 23.58 18.43 20.52
N LEU A 331 23.89 19.71 20.54
CA LEU A 331 23.05 20.78 21.14
C LEU A 331 22.37 21.58 20.03
N ARG A 332 22.38 21.09 18.79
CA ARG A 332 21.83 21.86 17.66
C ARG A 332 20.37 22.15 17.95
N GLU A 333 19.96 23.39 17.72
CA GLU A 333 18.57 23.86 17.95
C GLU A 333 17.80 23.91 16.63
N LEU A 334 16.65 23.23 16.59
CA LEU A 334 15.76 23.21 15.40
C LEU A 334 14.80 24.39 15.49
N THR A 335 14.85 25.28 14.50
CA THR A 335 13.99 26.47 14.46
C THR A 335 12.60 26.14 13.88
N SER A 336 12.35 24.90 13.43
CA SER A 336 11.07 24.49 12.82
C SER A 336 11.10 22.98 12.69
N GLN A 337 9.99 22.41 12.27
CA GLN A 337 9.91 20.93 12.08
C GLN A 337 10.99 20.47 11.11
N HIS A 338 11.25 21.27 10.08
CA HIS A 338 12.18 20.95 8.96
C HIS A 338 13.03 22.20 8.68
N PRO A 339 14.09 22.43 9.46
CA PRO A 339 14.88 23.65 9.26
C PRO A 339 15.54 23.76 7.87
N TYR A 340 15.93 22.64 7.25
CA TYR A 340 16.45 22.66 5.86
C TYR A 340 15.41 23.28 4.91
N ALA A 341 14.17 22.79 4.97
CA ALA A 341 13.02 23.29 4.20
C ALA A 341 12.86 24.78 4.48
N GLU A 342 12.89 25.16 5.74
CA GLU A 342 12.72 26.56 6.16
C GLU A 342 13.83 27.42 5.56
N VAL A 343 15.08 27.02 5.71
CA VAL A 343 16.24 27.93 5.44
C VAL A 343 16.66 27.84 3.96
N PHE A 344 16.72 26.62 3.42
CA PHE A 344 17.32 26.37 2.09
C PHE A 344 16.24 26.36 0.99
N ILE A 345 14.96 26.29 1.32
CA ILE A 345 13.87 26.39 0.29
C ILE A 345 13.04 27.64 0.56
N GLY A 346 12.31 27.67 1.65
CA GLY A 346 11.53 28.88 2.00
C GLY A 346 10.33 29.08 1.11
N ARG A 347 9.68 30.22 1.20
CA ARG A 347 8.43 30.50 0.45
C ARG A 347 8.80 30.58 -1.02
N PRO A 348 7.91 30.20 -1.96
CA PRO A 348 6.54 29.84 -1.67
C PRO A 348 6.31 28.37 -1.30
N HIS A 349 7.34 27.56 -1.44
CA HIS A 349 7.25 26.09 -1.24
C HIS A 349 7.05 25.73 0.23
N VAL A 350 7.55 26.57 1.15
CA VAL A 350 7.61 26.27 2.61
C VAL A 350 7.18 27.53 3.35
N TRP A 351 6.09 27.42 4.08
CA TRP A 351 5.59 28.50 4.95
C TRP A 351 5.87 28.11 6.38
N THR A 352 6.81 28.78 7.02
CA THR A 352 7.23 28.48 8.42
C THR A 352 6.41 29.42 9.32
N VAL A 353 5.49 28.84 10.08
CA VAL A 353 4.44 29.57 10.81
C VAL A 353 4.36 29.08 12.25
N ASP A 354 4.08 30.04 13.11
CA ASP A 354 3.66 29.79 14.50
C ASP A 354 2.23 29.22 14.47
N LEU A 355 2.10 27.93 14.77
CA LEU A 355 0.81 27.21 14.91
C LEU A 355 -0.19 27.94 15.82
N ASN A 356 0.30 28.72 16.80
CA ASN A 356 -0.53 29.45 17.81
C ASN A 356 -0.96 30.82 17.29
N ASN A 357 -0.40 31.24 16.15
CA ASN A 357 -0.71 32.57 15.60
C ASN A 357 -1.80 32.36 14.55
N GLN A 358 -3.07 32.45 14.98
CA GLN A 358 -4.25 32.18 14.11
C GLN A 358 -4.22 33.07 12.86
N GLU A 359 -3.87 34.34 13.01
CA GLU A 359 -3.78 35.30 11.87
C GLU A 359 -2.75 34.76 10.87
N GLU A 360 -1.56 34.41 11.37
CA GLU A 360 -0.41 33.96 10.53
C GLU A 360 -0.78 32.67 9.78
N VAL A 361 -1.41 31.71 10.45
CA VAL A 361 -1.83 30.41 9.85
C VAL A 361 -2.87 30.68 8.75
N GLU A 362 -3.84 31.54 9.01
CA GLU A 362 -4.93 31.81 8.04
C GLU A 362 -4.31 32.51 6.83
N ASP A 363 -3.45 33.50 7.06
CA ASP A 363 -2.76 34.23 5.97
C ASP A 363 -1.97 33.23 5.11
N ALA A 364 -1.25 32.28 5.74
CA ALA A 364 -0.42 31.27 5.05
C ALA A 364 -1.31 30.39 4.17
N VAL A 365 -2.40 29.88 4.72
CA VAL A 365 -3.30 28.93 4.00
C VAL A 365 -3.95 29.65 2.80
N LYS A 366 -4.41 30.88 3.01
CA LYS A 366 -5.03 31.68 1.92
C LYS A 366 -3.97 31.95 0.83
N ALA A 367 -2.72 32.25 1.19
CA ALA A 367 -1.61 32.47 0.24
C ALA A 367 -1.40 31.20 -0.58
N ILE A 368 -1.21 30.09 0.09
CA ILE A 368 -0.91 28.79 -0.58
C ILE A 368 -2.06 28.45 -1.54
N LEU A 369 -3.31 28.68 -1.14
CA LEU A 369 -4.50 28.41 -1.98
C LEU A 369 -4.36 29.17 -3.30
N ASN A 370 -3.82 30.40 -3.25
CA ASN A 370 -3.71 31.28 -4.44
CA ASN A 370 -3.67 31.36 -4.37
C ASN A 370 -2.32 31.16 -5.10
N GLN A 371 -1.44 30.29 -4.63
CA GLN A 371 -0.10 30.14 -5.24
C GLN A 371 -0.20 29.37 -6.57
N LYS A 372 0.65 29.77 -7.50
CA LYS A 372 0.97 29.01 -8.72
C LYS A 372 1.81 27.81 -8.30
N ILE A 373 1.53 26.65 -8.89
CA ILE A 373 2.23 25.39 -8.57
C ILE A 373 3.58 25.38 -9.29
N GLU A 374 4.69 25.22 -8.54
CA GLU A 374 6.07 25.14 -9.08
C GLU A 374 6.77 23.96 -8.43
N PRO A 375 6.68 22.73 -8.98
CA PRO A 375 7.42 21.60 -8.40
C PRO A 375 8.90 21.98 -8.32
N TYR A 376 9.55 21.66 -7.20
CA TYR A 376 10.95 22.07 -6.93
C TYR A 376 11.71 20.96 -6.21
N MET A 377 12.96 20.77 -6.60
CA MET A 377 13.90 19.87 -5.90
C MET A 377 15.24 20.59 -5.88
N PRO A 378 15.89 20.78 -4.70
CA PRO A 378 17.27 21.26 -4.67
C PRO A 378 18.16 20.26 -5.40
N TYR A 379 19.12 20.78 -6.16
CA TYR A 379 20.06 19.95 -6.96
C TYR A 379 20.65 18.84 -6.10
N GLU A 380 21.06 19.17 -4.87
CA GLU A 380 21.76 18.21 -3.97
C GLU A 380 20.86 17.02 -3.61
N PHE A 381 19.54 17.10 -3.79
CA PHE A 381 18.61 15.96 -3.53
C PHE A 381 18.14 15.31 -4.81
N THR A 382 18.80 15.57 -5.94
CA THR A 382 18.56 14.86 -7.23
C THR A 382 19.54 13.70 -7.31
N CYS A 383 19.25 12.75 -8.19
CA CYS A 383 20.18 11.63 -8.51
C CYS A 383 21.55 12.18 -8.91
N GLU A 384 21.62 13.11 -9.84
CA GLU A 384 22.92 13.61 -10.33
C GLU A 384 23.63 14.40 -9.21
N GLY A 385 22.88 15.23 -8.46
CA GLY A 385 23.44 15.97 -7.32
C GLY A 385 24.04 15.03 -6.27
N MET A 386 23.35 13.95 -5.92
CA MET A 386 23.87 13.00 -4.91
C MET A 386 25.08 12.25 -5.49
N LEU A 387 25.03 11.83 -6.74
CA LEU A 387 26.18 11.14 -7.38
C LEU A 387 27.39 12.06 -7.38
N GLN A 388 27.21 13.32 -7.72
CA GLN A 388 28.33 14.28 -7.76
C GLN A 388 28.95 14.41 -6.35
N ARG A 389 28.10 14.58 -5.33
CA ARG A 389 28.53 14.79 -3.92
C ARG A 389 29.26 13.54 -3.40
N ILE A 390 28.69 12.36 -3.52
CA ILE A 390 29.31 11.14 -2.98
C ILE A 390 30.56 10.78 -3.79
N ASN A 391 30.57 10.99 -5.10
CA ASN A 391 31.80 10.77 -5.89
C ASN A 391 32.91 11.69 -5.39
N ALA A 392 32.61 12.95 -5.12
CA ALA A 392 33.63 13.90 -4.63
C ALA A 392 34.16 13.42 -3.27
N PHE A 393 33.25 13.00 -2.39
CA PHE A 393 33.67 12.51 -1.05
C PHE A 393 34.58 11.28 -1.24
N ILE A 394 34.18 10.34 -2.08
CA ILE A 394 34.98 9.10 -2.25
C ILE A 394 36.37 9.44 -2.79
N GLU A 395 36.46 10.37 -3.73
CA GLU A 395 37.71 10.65 -4.45
C GLU A 395 38.61 11.59 -3.65
N LYS A 396 38.04 12.53 -2.93
CA LYS A 396 38.77 13.70 -2.38
C LYS A 396 38.81 13.73 -0.84
N GLN A 397 37.84 13.17 -0.13
CA GLN A 397 37.80 13.25 1.36
C GLN A 397 38.66 12.12 1.91
N ASP A 398 39.77 12.46 2.57
CA ASP A 398 40.74 11.45 3.09
C ASP A 398 41.09 11.83 4.52
N PHE A 399 40.84 10.97 5.47
CA PHE A 399 41.23 11.16 6.89
C PHE A 399 42.43 10.27 7.22
N CYS A 400 42.93 9.50 6.24
CA CYS A 400 44.06 8.53 6.39
C CYS A 400 45.40 9.20 5.94
N HIS A 401 45.44 10.54 5.82
CA HIS A 401 46.66 11.38 5.67
C HIS A 401 47.37 11.05 4.36
N MET A 405 45.22 17.79 0.46
CA MET A 405 44.40 18.70 1.29
C MET A 405 43.10 19.07 0.57
N TRP A 406 41.96 18.75 1.16
CA TRP A 406 40.63 18.99 0.56
C TRP A 406 39.60 19.18 1.67
N PRO A 407 38.78 20.25 1.60
CA PRO A 407 38.88 21.29 0.57
C PRO A 407 40.20 22.07 0.52
N PRO A 408 40.54 22.63 -0.66
CA PRO A 408 41.81 23.31 -0.83
C PRO A 408 41.78 24.61 -0.03
N LEU A 409 42.97 25.05 0.40
CA LEU A 409 43.11 26.20 1.33
C LEU A 409 42.70 27.49 0.62
N SER A 410 42.68 27.50 -0.72
CA SER A 410 42.17 28.62 -1.55
C SER A 410 40.71 28.96 -1.20
N ALA A 411 39.94 27.99 -0.72
CA ALA A 411 38.52 28.16 -0.32
C ALA A 411 38.38 28.94 0.99
N LEU A 412 39.44 29.01 1.80
CA LEU A 412 39.36 29.61 3.17
C LEU A 412 38.96 31.08 3.09
N GLN A 413 37.89 31.46 3.75
CA GLN A 413 37.61 32.87 4.06
C GLN A 413 37.36 32.95 5.56
N VAL A 414 38.18 33.73 6.27
CA VAL A 414 38.15 33.83 7.75
C VAL A 414 37.19 34.94 8.14
N LYS A 415 36.35 34.66 9.12
CA LYS A 415 35.32 35.60 9.65
C LYS A 415 35.41 35.58 11.16
N LEU A 416 35.16 36.73 11.77
CA LEU A 416 35.10 36.87 13.24
C LEU A 416 33.65 36.86 13.66
N ALA A 417 33.24 35.82 14.39
CA ALA A 417 31.95 35.74 15.08
C ALA A 417 31.96 36.73 16.23
N GLU A 418 30.90 37.51 16.38
CA GLU A 418 30.71 38.41 17.54
C GLU A 418 30.38 37.53 18.75
N PRO A 419 30.52 38.07 19.98
CA PRO A 419 30.07 37.34 21.16
C PRO A 419 28.61 36.94 20.96
N GLY A 420 28.29 35.71 21.34
CA GLY A 420 26.94 35.12 21.26
C GLY A 420 26.63 34.55 19.89
N GLN A 421 27.58 34.67 18.94
CA GLN A 421 27.47 34.14 17.56
C GLN A 421 28.43 32.94 17.39
N SER A 422 27.96 31.82 16.85
CA SER A 422 28.79 30.61 16.57
C SER A 422 29.57 30.80 15.26
N CYS A 423 30.57 29.96 15.01
CA CYS A 423 31.25 29.95 13.69
C CYS A 423 30.25 29.52 12.60
N LYS A 424 29.36 28.57 12.90
CA LYS A 424 28.29 28.15 11.95
C LYS A 424 27.53 29.41 11.47
N GLN A 425 27.11 30.25 12.41
CA GLN A 425 26.26 31.45 12.16
C GLN A 425 26.99 32.50 11.34
N VAL A 426 28.22 32.86 11.69
CA VAL A 426 28.92 33.99 11.00
C VAL A 426 29.23 33.59 9.56
N CYS A 427 29.57 32.32 9.29
CA CYS A 427 29.76 31.87 7.90
C CYS A 427 28.42 32.01 7.15
N GLN A 428 27.36 31.46 7.70
CA GLN A 428 26.00 31.45 7.09
C GLN A 428 25.56 32.89 6.79
N GLU A 429 25.84 33.82 7.70
CA GLU A 429 25.46 35.25 7.58
C GLU A 429 26.09 35.89 6.34
N SER A 430 27.20 35.34 5.84
CA SER A 430 27.91 35.86 4.66
C SER A 430 27.63 35.00 3.43
N GLN A 431 26.63 34.12 3.51
CA GLN A 431 26.29 33.12 2.45
C GLN A 431 27.49 32.20 2.23
N LEU A 432 28.22 31.86 3.29
CA LEU A 432 29.29 30.82 3.28
C LEU A 432 28.86 29.69 4.21
N ILE A 433 29.74 28.71 4.37
CA ILE A 433 29.55 27.62 5.37
C ILE A 433 30.87 27.38 6.10
N CYS A 434 30.80 27.11 7.39
CA CYS A 434 31.97 26.81 8.23
C CYS A 434 32.64 25.55 7.67
N GLU A 435 33.96 25.58 7.59
CA GLU A 435 34.76 24.46 7.04
C GLU A 435 35.76 24.05 8.12
N PRO A 436 35.44 23.04 8.93
CA PRO A 436 36.26 22.73 10.10
C PRO A 436 37.69 22.22 9.80
N SER A 437 37.94 21.75 8.58
CA SER A 437 39.28 21.26 8.14
C SER A 437 40.27 22.43 8.05
N PHE A 438 39.81 23.69 8.08
CA PHE A 438 40.67 24.89 8.02
C PHE A 438 41.01 25.44 9.41
N PHE A 439 40.50 24.86 10.49
CA PHE A 439 40.77 25.35 11.87
C PHE A 439 42.28 25.32 12.15
N GLN A 440 42.99 24.27 11.72
CA GLN A 440 44.45 24.10 11.99
C GLN A 440 45.26 25.27 11.39
N HIS A 441 44.80 25.87 10.29
CA HIS A 441 45.45 27.03 9.65
C HIS A 441 45.16 28.34 10.40
N LEU A 442 44.23 28.35 11.35
CA LEU A 442 43.84 29.57 12.10
C LEU A 442 44.30 29.48 13.56
N ASN A 443 45.22 28.59 13.89
CA ASN A 443 45.58 28.31 15.29
C ASN A 443 47.04 28.66 15.55
N THR A 454 45.26 40.96 15.93
CA THR A 454 46.68 41.00 16.40
C THR A 454 46.73 40.82 17.92
N CYS A 455 47.42 39.76 18.38
CA CYS A 455 47.39 39.24 19.77
C CYS A 455 48.48 39.91 20.62
N GLN A 456 48.11 40.84 21.52
CA GLN A 456 49.03 41.46 22.50
C GLN A 456 49.56 40.37 23.44
N SER A 457 48.66 39.61 24.04
CA SER A 457 48.96 38.34 24.77
C SER A 457 48.24 37.17 24.10
N SER A 458 48.49 35.96 24.57
CA SER A 458 47.83 34.73 24.08
C SER A 458 47.99 33.62 25.12
N GLU A 459 47.07 32.65 25.12
CA GLU A 459 47.18 31.39 25.88
C GLU A 459 46.62 30.23 25.05
N LEU A 460 46.69 29.02 25.60
CA LEU A 460 46.16 27.77 25.01
C LEU A 460 45.03 27.33 25.96
N ALA A 461 43.88 26.92 25.42
CA ALA A 461 42.79 26.27 26.18
C ALA A 461 42.28 25.08 25.37
N LYS A 462 41.83 24.05 26.07
CA LYS A 462 41.11 22.88 25.49
C LYS A 462 39.60 23.13 25.66
N ASP A 463 39.00 23.72 24.63
CA ASP A 463 37.64 24.28 24.64
C ASP A 463 37.14 24.37 23.19
N ILE A 464 35.87 24.04 22.99
CA ILE A 464 35.23 24.12 21.66
C ILE A 464 35.13 25.58 21.19
N LEU A 465 35.31 26.59 22.06
CA LEU A 465 35.06 28.01 21.68
C LEU A 465 36.31 28.75 21.20
N VAL A 466 37.44 28.07 21.05
CA VAL A 466 38.73 28.71 20.63
C VAL A 466 39.16 28.10 19.30
N PRO A 467 39.90 28.83 18.43
CA PRO A 467 40.44 30.15 18.75
C PRO A 467 39.47 31.33 18.96
N SER A 468 39.73 32.09 20.03
CA SER A 468 38.95 33.30 20.43
C SER A 468 39.89 34.50 20.51
N PHE A 469 39.29 35.69 20.42
CA PHE A 469 39.96 37.01 20.43
C PHE A 469 39.14 37.97 21.30
N ASP A 470 39.77 38.51 22.34
CA ASP A 470 39.26 39.69 23.09
C ASP A 470 39.83 40.92 22.41
N PRO A 471 39.05 41.64 21.56
CA PRO A 471 39.57 42.79 20.81
C PRO A 471 39.77 44.04 21.68
N LYS A 472 39.22 44.04 22.90
CA LYS A 472 39.36 45.08 23.94
C LYS A 472 40.79 45.02 24.49
N ASN A 473 41.22 43.86 25.01
CA ASN A 473 42.58 43.69 25.60
C ASN A 473 43.53 42.96 24.64
N LYS A 474 43.06 42.67 23.42
CA LYS A 474 43.83 42.02 22.31
C LYS A 474 44.41 40.68 22.78
N HIS A 475 43.73 39.98 23.69
CA HIS A 475 44.11 38.61 24.18
C HIS A 475 43.54 37.54 23.25
N CYS A 476 44.39 36.62 22.79
CA CYS A 476 44.08 35.46 21.93
C CYS A 476 44.19 34.15 22.71
N VAL A 477 43.12 33.36 22.74
CA VAL A 477 43.17 31.96 23.25
C VAL A 477 43.16 31.03 22.05
N PHE A 478 44.12 30.10 22.02
CA PHE A 478 44.36 29.14 20.90
C PHE A 478 43.92 27.76 21.37
N GLN A 479 43.66 26.87 20.42
CA GLN A 479 43.12 25.53 20.70
C GLN A 479 44.32 24.65 21.08
N GLY A 480 44.21 23.99 22.23
CA GLY A 480 45.23 23.05 22.70
C GLY A 480 44.82 21.61 22.48
N ASP A 481 43.58 21.33 22.10
CA ASP A 481 43.13 19.94 21.80
C ASP A 481 42.48 20.00 20.42
N LEU A 482 43.16 19.45 19.42
CA LEU A 482 42.75 19.60 17.99
C LEU A 482 41.42 18.88 17.76
N LEU A 483 41.03 17.94 18.62
CA LEU A 483 39.74 17.23 18.52
C LEU A 483 38.59 18.14 18.98
N LEU A 484 38.87 19.29 19.59
CA LEU A 484 37.80 20.20 20.09
C LEU A 484 37.50 21.33 19.12
N PHE A 485 38.17 21.42 17.96
CA PHE A 485 37.78 22.40 16.93
C PHE A 485 36.28 22.22 16.57
N SER A 486 35.52 23.30 16.52
CA SER A 486 34.04 23.23 16.54
C SER A 486 33.44 24.44 15.82
N CYS A 487 32.74 24.21 14.70
CA CYS A 487 31.87 25.25 14.08
C CYS A 487 30.77 25.66 15.07
N ALA A 488 30.20 24.67 15.76
CA ALA A 488 29.19 24.80 16.83
C ALA A 488 29.77 25.56 18.02
N GLY A 489 28.96 26.42 18.63
CA GLY A 489 29.31 27.09 19.90
C GLY A 489 29.59 28.57 19.70
N ALA A 490 29.02 29.39 20.58
CA ALA A 490 29.16 30.86 20.59
C ALA A 490 29.92 31.25 21.85
N HIS A 491 30.90 32.14 21.72
CA HIS A 491 31.64 32.67 22.90
C HIS A 491 30.74 33.70 23.55
N PRO A 492 30.53 33.59 24.88
CA PRO A 492 29.70 34.57 25.60
C PRO A 492 30.31 35.97 25.69
N ARG A 493 31.65 36.11 25.67
CA ARG A 493 32.35 37.39 25.93
C ARG A 493 33.19 37.80 24.72
N HIS A 494 33.87 36.85 24.07
CA HIS A 494 34.92 37.14 23.06
C HIS A 494 34.36 36.89 21.65
N GLN A 495 35.11 37.35 20.65
CA GLN A 495 34.95 36.99 19.23
C GLN A 495 35.59 35.61 18.98
N ARG A 496 34.97 34.83 18.10
CA ARG A 496 35.55 33.55 17.62
C ARG A 496 36.21 33.80 16.26
N VAL A 497 37.37 33.23 16.03
CA VAL A 497 38.05 33.28 14.71
C VAL A 497 37.58 32.06 13.93
N CYS A 498 36.88 32.28 12.82
CA CYS A 498 36.05 31.23 12.18
C CYS A 498 36.49 30.95 10.75
N PRO A 499 36.67 29.64 10.40
CA PRO A 499 36.97 29.23 9.05
C PRO A 499 35.71 28.97 8.22
N CYS A 500 35.50 29.79 7.18
CA CYS A 500 34.37 29.65 6.24
C CYS A 500 34.92 29.20 4.89
N ARG A 501 34.06 28.63 4.07
CA ARG A 501 34.33 28.33 2.65
C ARG A 501 33.11 28.75 1.84
N ASP A 502 33.32 29.01 0.56
CA ASP A 502 32.21 29.13 -0.40
C ASP A 502 31.57 27.76 -0.58
N PHE A 503 30.39 27.77 -1.16
CA PHE A 503 29.68 26.56 -1.59
C PHE A 503 29.00 26.86 -2.92
N ILE A 504 28.89 25.83 -3.72
CA ILE A 504 27.99 25.78 -4.92
C ILE A 504 26.53 25.89 -4.46
N LYS A 505 25.77 26.93 -4.90
CA LYS A 505 24.32 27.03 -4.57
C LYS A 505 23.64 25.78 -5.14
N GLY A 506 22.79 25.14 -4.35
CA GLY A 506 22.19 23.82 -4.65
C GLY A 506 23.11 22.65 -4.35
N GLN A 507 24.37 22.89 -3.97
CA GLN A 507 25.33 21.80 -3.61
C GLN A 507 26.24 22.30 -2.47
N VAL A 508 25.67 22.54 -1.28
CA VAL A 508 26.38 23.18 -0.12
C VAL A 508 27.55 22.31 0.38
N ALA A 509 27.53 20.99 0.16
CA ALA A 509 28.61 20.10 0.59
C ALA A 509 29.94 20.42 -0.11
N LEU A 510 29.91 21.11 -1.27
CA LEU A 510 31.11 21.28 -2.13
C LEU A 510 31.42 22.76 -2.32
N CYS A 511 32.67 23.15 -2.14
CA CYS A 511 33.22 24.49 -2.49
C CYS A 511 33.36 24.55 -4.03
N LYS A 512 33.43 25.76 -4.60
CA LYS A 512 33.49 25.94 -6.08
C LYS A 512 34.68 25.13 -6.64
N ASP A 513 35.80 25.04 -5.91
CA ASP A 513 37.06 24.39 -6.37
C ASP A 513 37.20 22.98 -5.78
N CYS A 514 36.10 22.31 -5.44
CA CYS A 514 36.19 21.02 -4.70
C CYS A 514 35.96 19.81 -5.61
N LEU A 515 35.60 20.00 -6.88
CA LEU A 515 35.29 18.84 -7.78
C LEU A 515 36.54 18.05 -8.16
N SER B 1 -33.44 8.15 -24.81
CA SER B 1 -32.00 8.34 -24.52
C SER B 1 -31.29 6.99 -24.54
N LEU B 2 -30.35 6.80 -25.45
CA LEU B 2 -29.52 5.57 -25.54
C LEU B 2 -28.25 5.73 -24.71
N ALA B 3 -27.80 4.61 -24.17
CA ALA B 3 -26.55 4.53 -23.39
C ALA B 3 -25.37 4.68 -24.35
N GLU B 4 -24.43 5.55 -23.99
CA GLU B 4 -23.12 5.71 -24.65
C GLU B 4 -22.02 5.32 -23.68
N ILE B 5 -21.14 4.41 -24.11
CA ILE B 5 -20.02 3.94 -23.24
C ILE B 5 -19.15 5.15 -22.85
N ARG B 6 -18.61 5.11 -21.62
CA ARG B 6 -17.73 6.11 -21.03
C ARG B 6 -16.32 5.52 -21.00
N THR B 7 -15.30 6.35 -21.25
CA THR B 7 -13.87 5.92 -21.29
C THR B 7 -13.02 6.86 -20.42
N ASP B 8 -13.65 7.72 -19.63
CA ASP B 8 -13.03 8.73 -18.76
C ASP B 8 -13.68 8.60 -17.38
N PHE B 9 -12.91 8.49 -16.30
CA PHE B 9 -13.42 8.23 -14.93
C PHE B 9 -13.62 9.52 -14.14
N ASN B 10 -13.31 10.70 -14.69
CA ASN B 10 -13.29 11.95 -13.87
C ASN B 10 -14.67 12.17 -13.24
N ILE B 11 -15.76 11.97 -13.97
CA ILE B 11 -17.12 12.09 -13.39
C ILE B 11 -17.37 10.97 -12.34
N LEU B 12 -16.88 9.75 -12.55
CA LEU B 12 -17.13 8.67 -11.56
C LEU B 12 -16.48 9.05 -10.24
N TYR B 13 -15.24 9.49 -10.28
CA TYR B 13 -14.49 9.92 -9.06
C TYR B 13 -15.31 11.02 -8.35
N SER B 14 -15.92 11.94 -9.10
CA SER B 14 -16.69 13.06 -8.49
C SER B 14 -17.92 12.53 -7.77
N MET B 15 -18.45 11.39 -8.19
CA MET B 15 -19.68 10.79 -7.61
C MET B 15 -19.35 9.99 -6.34
N MET B 16 -18.16 9.41 -6.23
CA MET B 16 -17.78 8.44 -5.19
C MET B 16 -17.01 9.19 -4.11
N LYS B 17 -17.72 9.92 -3.26
CA LYS B 17 -17.14 10.94 -2.34
C LYS B 17 -17.72 10.78 -0.92
N LYS B 18 -17.00 11.31 0.07
CA LYS B 18 -17.50 11.63 1.44
C LYS B 18 -17.52 10.40 2.36
N HIS B 19 -17.05 9.24 1.89
CA HIS B 19 -16.94 8.00 2.70
C HIS B 19 -15.54 7.40 2.53
N GLU B 20 -14.95 6.96 3.63
CA GLU B 20 -13.61 6.30 3.65
C GLU B 20 -13.63 5.11 2.66
N GLU B 21 -14.76 4.41 2.58
CA GLU B 21 -14.90 3.21 1.70
C GLU B 21 -14.81 3.67 0.24
N PHE B 22 -15.30 4.86 -0.10
CA PHE B 22 -15.25 5.36 -1.51
C PHE B 22 -13.83 5.85 -1.85
N ARG B 23 -13.11 6.40 -0.87
CA ARG B 23 -11.68 6.81 -1.04
C ARG B 23 -10.85 5.57 -1.38
N TRP B 24 -11.09 4.48 -0.68
CA TRP B 24 -10.41 3.18 -0.93
C TRP B 24 -10.77 2.66 -2.32
N MET B 25 -12.05 2.72 -2.69
CA MET B 25 -12.54 2.27 -4.01
C MET B 25 -11.91 3.11 -5.12
N ARG B 26 -11.85 4.44 -4.97
CA ARG B 26 -11.25 5.35 -5.97
C ARG B 26 -9.81 4.97 -6.27
N LEU B 27 -9.03 4.63 -5.25
CA LEU B 27 -7.62 4.18 -5.38
C LEU B 27 -7.58 2.95 -6.29
N ARG B 28 -8.41 1.96 -6.00
CA ARG B 28 -8.36 0.68 -6.74
C ARG B 28 -8.81 0.93 -8.20
N ILE B 29 -9.78 1.82 -8.41
CA ILE B 29 -10.27 2.15 -9.78
C ILE B 29 -9.11 2.78 -10.57
N ARG B 30 -8.40 3.72 -9.97
CA ARG B 30 -7.22 4.37 -10.61
C ARG B 30 -6.21 3.29 -10.98
N ARG B 31 -5.90 2.37 -10.08
CA ARG B 31 -4.91 1.30 -10.37
C ARG B 31 -5.41 0.50 -11.56
N MET B 32 -6.72 0.29 -11.68
CA MET B 32 -7.30 -0.65 -12.67
C MET B 32 -7.85 0.09 -13.91
N ALA B 33 -7.77 1.41 -13.95
CA ALA B 33 -8.49 2.21 -14.98
C ALA B 33 -8.16 1.72 -16.40
N ASP B 34 -6.90 1.50 -16.74
CA ASP B 34 -6.48 1.16 -18.13
C ASP B 34 -7.06 -0.20 -18.52
N ALA B 35 -7.12 -1.13 -17.58
CA ALA B 35 -7.72 -2.47 -17.78
C ALA B 35 -9.23 -2.30 -18.10
N TRP B 36 -9.92 -1.47 -17.32
CA TRP B 36 -11.39 -1.23 -17.48
C TRP B 36 -11.66 -0.62 -18.86
N ILE B 37 -10.89 0.42 -19.22
CA ILE B 37 -11.10 1.17 -20.48
C ILE B 37 -10.81 0.25 -21.68
N GLN B 38 -9.73 -0.51 -21.64
CA GLN B 38 -9.41 -1.52 -22.68
C GLN B 38 -10.58 -2.51 -22.80
N ALA B 39 -11.14 -2.95 -21.67
CA ALA B 39 -12.24 -3.94 -21.63
C ALA B 39 -13.55 -3.40 -22.22
N ILE B 40 -13.97 -2.18 -21.90
CA ILE B 40 -15.24 -1.64 -22.44
C ILE B 40 -15.08 -1.45 -23.96
N LYS B 41 -13.90 -1.02 -24.43
CA LYS B 41 -13.65 -0.85 -25.89
C LYS B 41 -13.66 -2.22 -26.58
N SER B 42 -13.04 -3.23 -26.00
CA SER B 42 -12.99 -4.61 -26.54
C SER B 42 -14.40 -5.22 -26.58
N LEU B 43 -15.20 -5.05 -25.53
CA LEU B 43 -16.58 -5.58 -25.52
C LEU B 43 -17.38 -4.93 -26.66
N ALA B 44 -17.29 -3.61 -26.81
CA ALA B 44 -18.04 -2.83 -27.82
C ALA B 44 -17.64 -3.28 -29.23
N GLU B 45 -16.47 -3.89 -29.40
CA GLU B 45 -15.97 -4.39 -30.71
C GLU B 45 -16.47 -5.80 -30.94
N LYS B 46 -16.60 -6.59 -29.88
CA LYS B 46 -17.07 -8.00 -29.97
C LYS B 46 -18.59 -8.09 -30.16
N GLN B 47 -19.34 -7.18 -29.55
CA GLN B 47 -20.80 -7.24 -29.40
C GLN B 47 -21.38 -5.87 -29.68
N ASN B 48 -22.56 -5.85 -30.26
CA ASN B 48 -23.31 -4.61 -30.51
C ASN B 48 -23.84 -4.03 -29.18
N LEU B 49 -23.31 -2.89 -28.73
CA LEU B 49 -23.73 -2.20 -27.49
C LEU B 49 -24.50 -0.93 -27.86
N GLU B 50 -24.88 -0.82 -29.13
CA GLU B 50 -25.77 0.26 -29.61
C GLU B 50 -27.22 -0.06 -29.23
N LYS B 51 -28.03 0.98 -29.13
CA LYS B 51 -29.51 0.81 -29.02
C LYS B 51 -29.81 0.18 -27.67
N ARG B 52 -28.95 0.42 -26.68
CA ARG B 52 -29.27 0.12 -25.26
C ARG B 52 -29.87 1.37 -24.68
N LYS B 53 -31.03 1.25 -24.03
CA LYS B 53 -31.65 2.38 -23.31
C LYS B 53 -30.76 2.71 -22.12
N ARG B 54 -30.46 3.99 -21.96
CA ARG B 54 -29.83 4.55 -20.75
C ARG B 54 -30.82 4.43 -19.57
N LYS B 55 -30.44 3.66 -18.55
CA LYS B 55 -31.26 3.45 -17.33
C LYS B 55 -30.85 4.43 -16.23
N LYS B 56 -31.84 4.97 -15.53
CA LYS B 56 -31.65 5.62 -14.21
C LYS B 56 -31.56 4.52 -13.15
N VAL B 57 -30.41 4.40 -12.51
CA VAL B 57 -30.06 3.26 -11.64
C VAL B 57 -29.83 3.81 -10.25
N LEU B 58 -30.57 3.33 -9.25
CA LEU B 58 -30.25 3.60 -7.83
C LEU B 58 -29.25 2.54 -7.40
N VAL B 59 -28.13 2.99 -6.83
CA VAL B 59 -27.14 2.13 -6.13
C VAL B 59 -27.15 2.55 -4.66
N HIS B 60 -27.82 1.76 -3.81
CA HIS B 60 -27.91 2.09 -2.37
C HIS B 60 -27.02 1.15 -1.55
N LEU B 61 -25.95 1.68 -0.98
CA LEU B 61 -24.98 0.89 -0.19
C LEU B 61 -25.38 0.98 1.29
N GLY B 62 -26.29 0.09 1.73
CA GLY B 62 -26.71 0.00 3.12
C GLY B 62 -25.53 -0.17 4.07
N LEU B 63 -24.53 -0.95 3.68
CA LEU B 63 -23.35 -1.19 4.54
C LEU B 63 -22.59 0.10 4.84
N LEU B 64 -22.67 1.16 4.03
CA LEU B 64 -21.94 2.44 4.28
C LEU B 64 -22.77 3.40 5.13
N THR B 65 -24.04 3.09 5.41
CA THR B 65 -24.90 4.00 6.20
C THR B 65 -24.48 3.88 7.68
N PRO B 81 -15.78 -6.85 5.46
CA PRO B 81 -16.56 -6.51 4.24
C PRO B 81 -15.73 -6.16 2.99
N LEU B 82 -14.44 -6.51 2.96
CA LEU B 82 -13.57 -6.09 1.83
C LEU B 82 -14.09 -6.70 0.52
N GLY B 83 -14.44 -7.99 0.48
CA GLY B 83 -15.05 -8.57 -0.72
C GLY B 83 -16.26 -7.77 -1.21
N GLU B 84 -17.15 -7.41 -0.29
CA GLU B 84 -18.38 -6.65 -0.62
C GLU B 84 -17.97 -5.30 -1.21
N LEU B 85 -16.96 -4.64 -0.65
CA LEU B 85 -16.50 -3.30 -1.14
C LEU B 85 -15.92 -3.43 -2.57
N VAL B 86 -15.20 -4.51 -2.84
CA VAL B 86 -14.67 -4.83 -4.19
C VAL B 86 -15.85 -4.98 -5.15
N GLN B 87 -16.84 -5.81 -4.78
CA GLN B 87 -18.03 -6.02 -5.62
C GLN B 87 -18.76 -4.71 -5.86
N TRP B 88 -19.03 -3.91 -4.84
CA TRP B 88 -19.72 -2.60 -5.02
C TRP B 88 -18.94 -1.74 -6.01
N SER B 89 -17.63 -1.65 -5.78
CA SER B 89 -16.72 -0.83 -6.63
C SER B 89 -16.83 -1.28 -8.09
N ASP B 90 -16.73 -2.59 -8.35
CA ASP B 90 -16.70 -3.12 -9.72
C ASP B 90 -18.07 -3.00 -10.41
N LEU B 91 -19.16 -3.14 -9.65
CA LEU B 91 -20.53 -2.97 -10.16
C LEU B 91 -20.71 -1.51 -10.56
N ILE B 92 -20.37 -0.59 -9.68
CA ILE B 92 -20.52 0.86 -9.98
C ILE B 92 -19.70 1.20 -11.23
N THR B 93 -18.48 0.70 -11.31
CA THR B 93 -17.56 0.97 -12.44
C THR B 93 -18.20 0.45 -13.73
N SER B 94 -18.70 -0.79 -13.71
CA SER B 94 -19.35 -1.44 -14.86
C SER B 94 -20.55 -0.60 -15.33
N LEU B 95 -21.42 -0.17 -14.43
CA LEU B 95 -22.65 0.60 -14.75
C LEU B 95 -22.24 1.91 -15.44
N TYR B 96 -21.19 2.51 -14.93
CA TYR B 96 -20.63 3.81 -15.41
C TYR B 96 -20.06 3.64 -16.82
N LEU B 97 -19.21 2.64 -17.02
CA LEU B 97 -18.61 2.35 -18.34
C LEU B 97 -19.69 2.04 -19.38
N LEU B 98 -20.76 1.36 -18.99
CA LEU B 98 -21.85 0.97 -19.90
C LEU B 98 -22.75 2.16 -20.22
N GLY B 99 -22.58 3.30 -19.57
CA GLY B 99 -23.24 4.57 -19.95
C GLY B 99 -24.55 4.81 -19.21
N HIS B 100 -24.84 4.09 -18.12
CA HIS B 100 -26.12 4.26 -17.38
C HIS B 100 -26.02 5.50 -16.51
N ASP B 101 -27.19 5.98 -16.08
CA ASP B 101 -27.32 7.20 -15.25
C ASP B 101 -27.39 6.76 -13.78
N ILE B 102 -26.24 6.69 -13.11
CA ILE B 102 -26.12 6.13 -11.74
C ILE B 102 -26.36 7.23 -10.72
N ARG B 103 -27.20 6.92 -9.74
CA ARG B 103 -27.46 7.77 -8.57
C ARG B 103 -26.99 6.99 -7.34
N ILE B 104 -25.83 7.35 -6.79
CA ILE B 104 -25.19 6.60 -5.67
C ILE B 104 -25.74 7.14 -4.35
N SER B 105 -26.23 6.25 -3.50
CA SER B 105 -26.81 6.56 -2.17
C SER B 105 -26.03 5.80 -1.09
N ALA B 106 -25.58 6.49 -0.05
CA ALA B 106 -24.96 5.87 1.14
C ALA B 106 -25.54 6.54 2.39
N SER B 107 -26.77 7.03 2.27
CA SER B 107 -27.52 7.65 3.37
C SER B 107 -29.02 7.47 3.12
N LEU B 108 -29.79 7.46 4.18
CA LEU B 108 -31.27 7.55 4.11
C LEU B 108 -31.69 8.81 3.35
N ALA B 109 -31.03 9.95 3.60
CA ALA B 109 -31.32 11.26 2.99
C ALA B 109 -31.19 11.15 1.48
N GLU B 110 -30.13 10.50 0.99
CA GLU B 110 -29.88 10.33 -0.46
C GLU B 110 -30.94 9.42 -1.04
N LEU B 111 -31.20 8.30 -0.37
CA LEU B 111 -32.21 7.32 -0.80
C LEU B 111 -33.55 8.02 -1.00
N LYS B 112 -33.99 8.81 -0.03
CA LYS B 112 -35.28 9.56 -0.10
C LYS B 112 -35.27 10.50 -1.31
N GLU B 113 -34.21 11.31 -1.49
CA GLU B 113 -34.10 12.29 -2.60
C GLU B 113 -34.20 11.59 -3.95
N ILE B 114 -33.42 10.51 -4.14
CA ILE B 114 -33.37 9.82 -5.45
C ILE B 114 -34.74 9.22 -5.75
N MET B 115 -35.34 8.50 -4.80
CA MET B 115 -36.62 7.78 -4.99
C MET B 115 -37.74 8.82 -5.08
N GLY B 116 -37.60 9.93 -4.36
CA GLY B 116 -38.51 11.09 -4.42
C GLY B 116 -38.63 11.60 -5.84
N GLY B 117 -37.51 11.67 -6.56
CA GLY B 117 -37.43 12.15 -7.95
C GLY B 117 -38.09 11.21 -8.95
N GLY B 118 -38.07 9.90 -8.68
CA GLY B 118 -38.74 8.92 -9.56
C GLY B 118 -37.98 8.71 -10.86
N GLY B 119 -38.57 7.99 -11.80
CA GLY B 119 -37.91 7.56 -13.03
C GLY B 119 -36.88 6.45 -12.78
N VAL B 120 -36.79 5.90 -11.58
CA VAL B 120 -35.75 4.86 -11.31
C VAL B 120 -36.17 3.63 -12.08
N GLU B 121 -35.23 2.95 -12.73
CA GLU B 121 -35.52 1.79 -13.60
C GLU B 121 -34.86 0.52 -13.07
N LEU B 122 -33.90 0.65 -12.19
CA LEU B 122 -33.08 -0.48 -11.73
C LEU B 122 -32.48 -0.12 -10.40
N ILE B 123 -32.49 -1.05 -9.48
CA ILE B 123 -32.03 -0.81 -8.08
C ILE B 123 -31.04 -1.89 -7.69
N TYR B 124 -29.80 -1.50 -7.40
CA TYR B 124 -28.78 -2.33 -6.74
C TYR B 124 -28.71 -1.93 -5.27
N ILE B 125 -28.89 -2.91 -4.41
CA ILE B 125 -29.00 -2.70 -2.95
C ILE B 125 -28.47 -3.93 -2.22
N ASP B 126 -28.10 -3.80 -0.95
CA ASP B 126 -27.80 -4.99 -0.10
C ASP B 126 -29.02 -5.26 0.78
N ILE B 127 -29.01 -6.34 1.56
CA ILE B 127 -30.18 -6.71 2.41
C ILE B 127 -30.39 -5.67 3.51
N VAL B 128 -29.32 -5.17 4.13
CA VAL B 128 -29.42 -4.06 5.13
C VAL B 128 -30.06 -2.83 4.44
N GLY B 129 -29.62 -2.46 3.23
CA GLY B 129 -30.21 -1.35 2.47
C GLY B 129 -31.68 -1.59 2.12
N LEU B 130 -32.04 -2.84 1.86
CA LEU B 130 -33.43 -3.20 1.49
C LEU B 130 -34.36 -2.99 2.68
N ALA B 131 -33.92 -3.30 3.92
CA ALA B 131 -34.68 -3.00 5.15
C ALA B 131 -34.86 -1.50 5.24
N GLN B 132 -33.83 -0.73 4.88
CA GLN B 132 -33.91 0.76 4.91
C GLN B 132 -34.87 1.28 3.84
N PHE B 133 -34.82 0.69 2.66
CA PHE B 133 -35.69 0.99 1.50
C PHE B 133 -37.16 0.80 1.92
N LYS B 134 -37.48 -0.36 2.47
CA LYS B 134 -38.85 -0.71 2.95
C LYS B 134 -39.30 0.29 4.02
N LYS B 135 -38.43 0.58 4.99
CA LYS B 135 -38.79 1.50 6.10
C LYS B 135 -38.96 2.91 5.56
N THR B 136 -38.04 3.37 4.72
CA THR B 136 -38.01 4.77 4.21
C THR B 136 -39.19 5.04 3.28
N LEU B 137 -39.52 4.10 2.38
CA LEU B 137 -40.54 4.35 1.31
C LEU B 137 -41.95 4.09 1.83
N GLY B 138 -42.12 3.20 2.79
CA GLY B 138 -43.42 2.76 3.28
C GLY B 138 -43.95 1.64 2.40
N PRO B 139 -45.27 1.38 2.43
CA PRO B 139 -45.86 0.23 1.72
C PRO B 139 -45.62 0.19 0.19
N SER B 140 -45.41 1.34 -0.46
CA SER B 140 -45.14 1.41 -1.93
C SER B 140 -43.71 0.93 -2.25
N TRP B 141 -42.92 0.57 -1.25
CA TRP B 141 -41.62 -0.06 -1.56
C TRP B 141 -41.87 -1.24 -2.52
N VAL B 142 -43.00 -1.93 -2.40
CA VAL B 142 -43.20 -3.18 -3.19
C VAL B 142 -43.47 -2.79 -4.66
N HIS B 143 -43.84 -1.54 -4.94
CA HIS B 143 -44.07 -1.08 -6.34
C HIS B 143 -42.76 -1.27 -7.13
N TYR B 144 -41.59 -1.18 -6.46
CA TYR B 144 -40.25 -1.21 -7.10
C TYR B 144 -39.61 -2.60 -7.00
N GLN B 145 -40.32 -3.55 -6.41
CA GLN B 145 -39.73 -4.83 -6.00
C GLN B 145 -39.12 -5.55 -7.21
N CYS B 146 -39.73 -5.54 -8.39
CA CYS B 146 -39.23 -6.29 -9.58
C CYS B 146 -37.93 -5.67 -10.13
N MET B 147 -37.61 -4.43 -9.76
CA MET B 147 -36.39 -3.72 -10.20
C MET B 147 -35.20 -4.01 -9.26
N LEU B 148 -35.39 -4.71 -8.14
CA LEU B 148 -34.33 -4.90 -7.14
C LEU B 148 -33.35 -5.95 -7.64
N ARG B 149 -32.07 -5.68 -7.45
CA ARG B 149 -30.94 -6.64 -7.61
C ARG B 149 -30.18 -6.55 -6.28
N VAL B 150 -30.20 -7.61 -5.52
CA VAL B 150 -29.85 -7.55 -4.07
C VAL B 150 -28.50 -8.22 -3.86
N LEU B 151 -27.47 -7.42 -3.61
CA LEU B 151 -26.08 -7.96 -3.43
C LEU B 151 -26.06 -8.73 -2.09
N ASP B 152 -25.90 -10.05 -2.19
CA ASP B 152 -26.06 -11.02 -1.08
C ASP B 152 -24.95 -12.04 -1.26
N SER B 153 -23.82 -11.85 -0.56
CA SER B 153 -22.57 -12.54 -0.86
C SER B 153 -22.80 -14.05 -0.91
N PHE B 154 -23.34 -14.59 0.19
CA PHE B 154 -23.37 -16.05 0.49
C PHE B 154 -24.60 -16.74 -0.09
N GLY B 155 -25.55 -15.95 -0.61
CA GLY B 155 -26.72 -16.44 -1.34
C GLY B 155 -27.88 -16.76 -0.44
N THR B 156 -29.08 -16.79 -1.03
CA THR B 156 -30.38 -17.01 -0.35
C THR B 156 -31.11 -18.14 -1.06
N GLU B 157 -31.36 -19.23 -0.34
CA GLU B 157 -32.09 -20.38 -0.93
C GLU B 157 -33.60 -20.10 -0.81
N PRO B 158 -34.43 -20.60 -1.75
CA PRO B 158 -35.87 -20.34 -1.74
C PRO B 158 -36.59 -20.65 -0.42
N GLU B 159 -36.19 -21.71 0.29
CA GLU B 159 -36.84 -22.02 1.59
C GLU B 159 -36.69 -20.89 2.64
N PHE B 160 -35.67 -20.03 2.54
CA PHE B 160 -35.43 -18.89 3.46
C PHE B 160 -36.05 -17.61 2.93
N ASN B 161 -36.32 -17.53 1.63
CA ASN B 161 -36.85 -16.31 0.98
C ASN B 161 -38.37 -16.24 1.15
N HIS B 162 -39.03 -17.38 1.14
CA HIS B 162 -40.51 -17.50 1.26
C HIS B 162 -40.86 -17.32 2.73
N ALA B 163 -41.38 -16.16 3.10
CA ALA B 163 -41.62 -15.76 4.50
C ALA B 163 -42.39 -16.87 5.26
N ASN B 164 -43.48 -17.37 4.69
CA ASN B 164 -44.41 -18.27 5.41
C ASN B 164 -43.79 -19.65 5.48
N TYR B 165 -43.18 -20.13 4.41
CA TYR B 165 -42.52 -21.45 4.42
C TYR B 165 -41.37 -21.44 5.43
N ALA B 166 -40.61 -20.33 5.49
CA ALA B 166 -39.45 -20.17 6.40
C ALA B 166 -39.94 -20.25 7.85
N GLN B 167 -41.00 -19.52 8.17
CA GLN B 167 -41.63 -19.58 9.52
C GLN B 167 -42.10 -21.01 9.81
N SER B 168 -42.69 -21.69 8.83
CA SER B 168 -43.22 -23.05 9.03
C SER B 168 -42.06 -24.02 9.32
N LYS B 169 -40.86 -23.76 8.78
CA LYS B 169 -39.69 -24.63 8.97
C LYS B 169 -38.91 -24.19 10.22
N GLY B 170 -39.30 -23.09 10.86
CA GLY B 170 -38.59 -22.58 12.04
C GLY B 170 -37.31 -21.80 11.71
N HIS B 171 -37.16 -21.29 10.50
CA HIS B 171 -35.96 -20.53 10.09
C HIS B 171 -36.04 -19.13 10.72
N LYS B 172 -35.10 -18.78 11.59
CA LYS B 172 -35.10 -17.50 12.34
C LYS B 172 -34.22 -16.46 11.64
N THR B 173 -33.69 -16.79 10.45
CA THR B 173 -32.78 -15.87 9.69
C THR B 173 -33.27 -14.43 9.79
N PRO B 174 -32.42 -13.47 10.21
CA PRO B 174 -32.80 -12.07 10.07
C PRO B 174 -32.62 -11.53 8.63
N TRP B 175 -32.10 -12.38 7.73
CA TRP B 175 -31.68 -11.95 6.37
C TRP B 175 -32.72 -12.32 5.33
N GLY B 176 -33.58 -13.31 5.59
CA GLY B 176 -34.52 -13.82 4.60
C GLY B 176 -35.92 -13.21 4.69
N LYS B 177 -36.90 -13.97 4.14
CA LYS B 177 -38.37 -13.69 4.14
C LYS B 177 -38.69 -12.42 3.33
N TRP B 178 -37.89 -12.09 2.31
CA TRP B 178 -38.16 -10.91 1.45
C TRP B 178 -39.18 -11.24 0.34
N ASN B 179 -39.42 -12.52 0.04
CA ASN B 179 -40.43 -12.97 -0.95
C ASN B 179 -40.09 -12.40 -2.35
N LEU B 180 -38.81 -12.30 -2.67
CA LEU B 180 -38.36 -11.87 -4.02
C LEU B 180 -38.35 -13.08 -4.93
N ASN B 181 -38.19 -12.87 -6.24
CA ASN B 181 -37.79 -13.95 -7.15
C ASN B 181 -36.36 -14.27 -6.75
N PRO B 182 -35.97 -15.48 -6.33
CA PRO B 182 -34.61 -15.70 -5.83
C PRO B 182 -33.47 -15.31 -6.79
N GLN B 183 -33.73 -15.21 -8.11
CA GLN B 183 -32.72 -14.84 -9.11
C GLN B 183 -32.41 -13.35 -8.97
N GLN B 184 -33.20 -12.63 -8.17
CA GLN B 184 -32.86 -11.21 -7.86
C GLN B 184 -31.71 -11.08 -6.84
N PHE B 185 -31.35 -12.13 -6.11
CA PHE B 185 -30.17 -12.13 -5.20
C PHE B 185 -28.91 -12.32 -6.06
N TYR B 186 -27.94 -11.44 -5.88
CA TYR B 186 -26.69 -11.36 -6.65
C TYR B 186 -25.52 -11.78 -5.76
N THR B 187 -24.85 -12.89 -6.09
CA THR B 187 -23.86 -13.56 -5.23
C THR B 187 -22.42 -13.20 -5.62
N MET B 188 -21.48 -13.48 -4.70
CA MET B 188 -20.03 -13.18 -4.84
C MET B 188 -19.38 -14.22 -5.77
N PHE B 189 -19.82 -15.46 -5.69
CA PHE B 189 -19.38 -16.60 -6.52
C PHE B 189 -20.62 -17.35 -7.01
N PRO B 190 -20.48 -18.16 -8.08
CA PRO B 190 -21.60 -18.94 -8.60
C PRO B 190 -21.84 -20.22 -7.80
N HIS B 191 -22.19 -20.09 -6.53
CA HIS B 191 -22.37 -21.24 -5.60
C HIS B 191 -23.85 -21.59 -5.42
N THR B 192 -24.78 -20.73 -5.85
CA THR B 192 -26.22 -20.79 -5.55
C THR B 192 -27.02 -20.55 -6.82
N PRO B 193 -27.30 -21.59 -7.64
CA PRO B 193 -28.01 -21.41 -8.90
C PRO B 193 -29.46 -20.89 -8.79
N ASP B 194 -30.04 -20.93 -7.60
CA ASP B 194 -31.34 -20.28 -7.30
C ASP B 194 -31.12 -18.79 -7.47
N ASN B 195 -29.88 -18.34 -7.36
CA ASN B 195 -29.56 -16.88 -7.40
C ASN B 195 -28.86 -16.55 -8.73
N SER B 196 -28.53 -15.27 -8.94
CA SER B 196 -27.65 -14.80 -10.04
C SER B 196 -26.23 -14.54 -9.49
N PHE B 197 -25.21 -14.95 -10.22
CA PHE B 197 -23.79 -14.69 -9.89
C PHE B 197 -23.40 -13.29 -10.37
N LEU B 198 -23.07 -12.38 -9.45
CA LEU B 198 -22.55 -11.05 -9.82
C LEU B 198 -21.03 -11.06 -9.88
N GLY B 199 -20.36 -11.52 -8.83
CA GLY B 199 -18.91 -11.51 -8.70
C GLY B 199 -18.36 -10.10 -8.70
N PHE B 200 -17.17 -9.96 -9.27
CA PHE B 200 -16.28 -8.77 -9.18
C PHE B 200 -15.12 -9.05 -10.14
N VAL B 201 -14.17 -8.14 -10.19
CA VAL B 201 -12.96 -8.31 -11.04
C VAL B 201 -11.76 -8.55 -10.12
N VAL B 202 -10.93 -9.50 -10.50
CA VAL B 202 -9.66 -9.78 -9.79
C VAL B 202 -8.57 -8.85 -10.30
N GLU B 203 -8.00 -8.04 -9.41
CA GLU B 203 -6.90 -7.12 -9.76
C GLU B 203 -5.62 -7.95 -9.98
N GLN B 204 -4.95 -7.76 -11.13
CA GLN B 204 -3.71 -8.46 -11.57
C GLN B 204 -2.78 -7.36 -12.04
N HIS B 205 -1.50 -7.35 -11.66
CA HIS B 205 -0.56 -6.35 -12.22
C HIS B 205 0.66 -7.05 -12.80
N LEU B 206 0.41 -7.99 -13.72
CA LEU B 206 1.38 -8.60 -14.64
C LEU B 206 1.04 -8.19 -16.08
N ASP B 210 6.58 -9.78 -17.53
CA ASP B 210 6.14 -10.15 -16.14
C ASP B 210 5.70 -11.61 -16.16
N ILE B 211 4.66 -11.93 -16.94
CA ILE B 211 4.10 -13.31 -17.08
C ILE B 211 5.13 -14.24 -17.72
N HIS B 212 5.98 -13.72 -18.61
CA HIS B 212 7.04 -14.48 -19.32
C HIS B 212 8.19 -14.78 -18.34
N HIS B 213 8.56 -13.81 -17.52
CA HIS B 213 9.70 -13.85 -16.58
C HIS B 213 9.26 -14.23 -15.17
N ILE B 214 8.06 -14.78 -15.00
CA ILE B 214 7.44 -14.88 -13.65
C ILE B 214 8.22 -15.94 -12.87
N ASN B 215 8.58 -17.06 -13.53
CA ASN B 215 9.40 -18.16 -12.93
C ASN B 215 10.73 -17.56 -12.44
N GLU B 216 10.99 -16.28 -12.73
CA GLU B 216 12.17 -15.52 -12.25
C GLU B 216 11.81 -14.52 -11.16
N ILE B 217 10.74 -13.75 -11.31
CA ILE B 217 10.32 -12.66 -10.37
C ILE B 217 9.91 -13.24 -9.00
N LYS B 218 9.36 -14.45 -9.04
CA LYS B 218 8.84 -15.15 -7.86
C LYS B 218 10.00 -15.76 -7.08
N ARG B 219 9.96 -15.60 -5.76
CA ARG B 219 10.87 -16.30 -4.81
C ARG B 219 10.24 -17.66 -4.54
N GLN B 220 10.89 -18.72 -5.02
CA GLN B 220 10.30 -20.09 -5.05
C GLN B 220 9.94 -20.56 -3.64
N ASN B 221 10.62 -20.07 -2.60
CA ASN B 221 10.32 -20.60 -1.23
C ASN B 221 9.68 -19.48 -0.38
N GLN B 222 9.01 -18.52 -0.98
CA GLN B 222 8.27 -17.47 -0.21
C GLN B 222 6.78 -17.85 -0.10
N SER B 223 6.29 -18.01 1.13
CA SER B 223 4.84 -18.17 1.45
C SER B 223 4.34 -16.92 2.17
N LEU B 224 3.05 -16.65 2.02
CA LEU B 224 2.40 -15.48 2.64
C LEU B 224 1.10 -15.95 3.26
N VAL B 225 0.93 -15.71 4.54
CA VAL B 225 -0.27 -16.13 5.30
C VAL B 225 -1.41 -15.16 4.95
N TYR B 226 -2.55 -15.75 4.59
CA TYR B 226 -3.84 -15.05 4.33
C TYR B 226 -4.54 -14.90 5.68
N GLY B 227 -4.71 -13.66 6.12
CA GLY B 227 -5.39 -13.36 7.39
C GLY B 227 -4.62 -12.30 8.16
N LYS B 228 -5.20 -11.10 8.27
CA LYS B 228 -4.58 -9.87 8.85
C LYS B 228 -4.86 -9.78 10.36
N VAL B 229 -5.43 -10.83 10.99
CA VAL B 229 -5.64 -10.91 12.47
C VAL B 229 -4.97 -12.19 13.00
N ASP B 230 -4.30 -12.06 14.15
CA ASP B 230 -3.55 -13.13 14.86
C ASP B 230 -4.53 -14.24 15.28
N SER B 231 -5.78 -13.86 15.60
CA SER B 231 -6.88 -14.75 16.03
C SER B 231 -7.03 -15.91 15.03
N PHE B 232 -7.05 -15.59 13.73
CA PHE B 232 -7.09 -16.56 12.61
C PHE B 232 -5.91 -17.52 12.77
N ASN B 235 -4.78 -22.89 17.16
CA ASN B 235 -3.42 -23.48 17.03
C ASN B 235 -2.94 -23.24 15.59
N LYS B 236 -2.87 -24.30 14.75
CA LYS B 236 -2.35 -24.27 13.34
C LYS B 236 -0.87 -23.91 13.30
N LYS B 237 -0.20 -23.87 14.46
CA LYS B 237 1.29 -23.77 14.56
C LYS B 237 1.90 -24.93 13.78
N ILE B 238 1.37 -26.15 13.94
CA ILE B 238 1.91 -27.36 13.28
C ILE B 238 1.90 -27.15 11.77
N TYR B 239 0.76 -26.75 11.23
CA TYR B 239 0.52 -26.41 9.81
C TYR B 239 1.61 -25.45 9.37
N LEU B 240 1.73 -24.33 10.06
CA LEU B 240 2.71 -23.28 9.71
C LEU B 240 4.13 -23.85 9.85
N ASP B 241 4.39 -24.70 10.85
CA ASP B 241 5.72 -25.31 11.08
C ASP B 241 6.06 -26.22 9.90
N ILE B 242 5.11 -27.00 9.41
CA ILE B 242 5.32 -27.86 8.22
C ILE B 242 5.62 -26.99 7.00
N ILE B 243 4.86 -25.91 6.78
CA ILE B 243 5.12 -24.98 5.65
C ILE B 243 6.54 -24.43 5.83
N HIS B 244 6.88 -24.03 7.05
CA HIS B 244 8.16 -23.35 7.37
C HIS B 244 9.35 -24.30 7.21
N THR B 245 9.13 -25.62 7.23
CA THR B 245 10.20 -26.59 6.87
C THR B 245 10.72 -26.33 5.45
N TYR B 246 9.87 -25.87 4.52
CA TYR B 246 10.22 -25.71 3.08
C TYR B 246 10.27 -24.24 2.66
N MET B 247 9.64 -23.31 3.41
CA MET B 247 9.42 -21.94 2.88
C MET B 247 9.57 -20.89 3.98
N GLU B 248 10.00 -19.69 3.62
CA GLU B 248 9.84 -18.46 4.43
C GLU B 248 8.33 -18.26 4.62
N VAL B 249 7.92 -17.81 5.79
CA VAL B 249 6.48 -17.55 6.10
C VAL B 249 6.37 -16.06 6.38
N HIS B 250 5.66 -15.35 5.52
CA HIS B 250 5.43 -13.89 5.60
C HIS B 250 4.00 -13.65 6.07
N ALA B 251 3.72 -12.45 6.54
CA ALA B 251 2.38 -12.06 7.03
C ALA B 251 2.20 -10.56 6.86
N THR B 252 0.95 -10.12 6.95
CA THR B 252 0.52 -8.71 6.94
C THR B 252 -0.51 -8.55 8.04
N VAL B 253 -0.07 -8.60 9.30
CA VAL B 253 -0.95 -8.73 10.49
C VAL B 253 -0.94 -7.41 11.26
N ASN B 260 1.16 -13.35 18.87
CA ASN B 260 0.87 -14.82 18.98
C ASN B 260 0.95 -15.50 17.59
N ILE B 261 1.79 -14.99 16.70
CA ILE B 261 2.11 -15.58 15.37
C ILE B 261 3.58 -16.01 15.49
N PRO B 262 4.04 -17.20 15.03
CA PRO B 262 5.39 -17.70 15.35
C PRO B 262 6.55 -16.73 15.10
N SER B 263 7.66 -16.91 15.84
CA SER B 263 8.87 -16.02 15.84
C SER B 263 9.47 -15.90 14.43
N TYR B 264 9.43 -16.97 13.64
CA TYR B 264 10.03 -17.09 12.28
C TYR B 264 9.22 -16.29 11.24
N VAL B 265 7.98 -15.92 11.55
CA VAL B 265 7.09 -15.23 10.58
C VAL B 265 7.66 -13.85 10.32
N LYS B 266 7.79 -13.49 9.05
CA LYS B 266 8.20 -12.15 8.57
C LYS B 266 6.95 -11.28 8.34
N ASN B 267 6.63 -10.43 9.32
CA ASN B 267 5.42 -9.58 9.33
C ASN B 267 5.73 -8.24 8.67
N HIS B 268 5.00 -7.87 7.62
CA HIS B 268 5.13 -6.60 6.87
C HIS B 268 4.12 -5.56 7.39
N GLY B 269 3.25 -5.95 8.32
CA GLY B 269 2.11 -5.14 8.80
C GLY B 269 1.15 -4.80 7.68
N ILE B 270 0.42 -3.69 7.82
CA ILE B 270 -0.39 -3.08 6.74
C ILE B 270 0.53 -2.68 5.57
N LEU B 271 0.10 -3.00 4.35
CA LEU B 271 0.64 -2.49 3.06
C LEU B 271 -0.55 -1.94 2.26
N SER B 272 -0.35 -0.97 1.35
CA SER B 272 -1.38 -0.54 0.37
C SER B 272 -1.39 -1.51 -0.82
N GLY B 273 -2.37 -1.36 -1.72
CA GLY B 273 -2.66 -2.24 -2.87
C GLY B 273 -1.50 -2.48 -3.83
N ARG B 274 -0.69 -1.48 -4.16
CA ARG B 274 0.52 -1.63 -5.01
C ARG B 274 1.51 -2.60 -4.35
N ASP B 275 1.81 -2.30 -3.08
CA ASP B 275 2.78 -3.01 -2.21
C ASP B 275 2.30 -4.44 -2.00
N LEU B 276 1.03 -4.66 -1.67
CA LEU B 276 0.51 -6.04 -1.53
C LEU B 276 0.57 -6.72 -2.91
N GLN B 277 0.25 -6.02 -3.99
CA GLN B 277 0.31 -6.64 -5.33
C GLN B 277 1.77 -7.07 -5.55
N PHE B 278 2.74 -6.24 -5.13
CA PHE B 278 4.20 -6.53 -5.26
C PHE B 278 4.55 -7.78 -4.45
N LEU B 279 4.20 -7.79 -3.16
CA LEU B 279 4.39 -8.96 -2.28
C LEU B 279 3.81 -10.23 -2.92
N LEU B 280 2.57 -10.20 -3.43
CA LEU B 280 1.95 -11.35 -4.12
C LEU B 280 2.75 -11.75 -5.37
N ARG B 281 3.20 -10.77 -6.16
CA ARG B 281 4.00 -11.04 -7.39
C ARG B 281 5.21 -11.91 -7.00
N GLU B 282 5.80 -11.65 -5.82
CA GLU B 282 7.05 -12.35 -5.38
C GLU B 282 6.73 -13.66 -4.65
N THR B 283 5.48 -13.91 -4.28
CA THR B 283 5.08 -15.03 -3.39
C THR B 283 4.74 -16.29 -4.20
N LYS B 284 5.28 -17.45 -3.82
CA LYS B 284 4.97 -18.75 -4.44
C LYS B 284 3.68 -19.30 -3.87
N LEU B 285 3.44 -19.19 -2.56
CA LEU B 285 2.33 -19.88 -1.85
C LEU B 285 1.56 -18.89 -0.96
N PHE B 286 0.26 -18.77 -1.18
CA PHE B 286 -0.69 -18.00 -0.34
C PHE B 286 -1.38 -19.01 0.60
N VAL B 287 -1.21 -18.83 1.90
CA VAL B 287 -1.59 -19.86 2.92
C VAL B 287 -2.92 -19.46 3.56
N GLY B 288 -3.95 -20.29 3.34
CA GLY B 288 -5.25 -20.17 4.01
C GLY B 288 -5.21 -20.79 5.38
N LEU B 289 -5.82 -20.15 6.36
CA LEU B 289 -5.95 -20.64 7.76
C LEU B 289 -7.39 -21.11 8.07
N GLY B 290 -8.37 -20.86 7.19
CA GLY B 290 -9.75 -21.32 7.36
C GLY B 290 -10.74 -20.18 7.28
N PHE B 291 -10.28 -18.97 7.53
CA PHE B 291 -11.14 -17.77 7.52
C PHE B 291 -10.28 -16.63 6.97
N PRO B 292 -10.80 -15.66 6.18
CA PRO B 292 -12.22 -15.58 5.79
C PRO B 292 -12.71 -16.53 4.70
N TYR B 293 -14.02 -16.75 4.67
CA TYR B 293 -14.69 -17.67 3.71
C TYR B 293 -14.93 -16.90 2.40
N GLU B 294 -14.59 -17.46 1.26
CA GLU B 294 -15.08 -16.99 -0.05
C GLU B 294 -14.77 -15.51 -0.24
N GLY B 295 -13.53 -15.13 0.02
CA GLY B 295 -13.07 -13.75 -0.25
C GLY B 295 -12.42 -13.62 -1.63
N PRO B 296 -12.14 -12.37 -2.05
CA PRO B 296 -11.43 -12.13 -3.30
C PRO B 296 -9.95 -12.50 -3.29
N ALA B 297 -9.28 -12.42 -2.12
CA ALA B 297 -7.80 -12.37 -2.03
C ALA B 297 -7.22 -13.64 -2.64
N PRO B 298 -7.75 -14.85 -2.40
CA PRO B 298 -7.12 -16.03 -2.99
C PRO B 298 -7.12 -15.95 -4.52
N LEU B 299 -8.14 -15.35 -5.13
CA LEU B 299 -8.18 -15.23 -6.60
C LEU B 299 -7.11 -14.23 -7.03
N GLU B 300 -6.93 -13.13 -6.31
CA GLU B 300 -5.85 -12.17 -6.63
C GLU B 300 -4.49 -12.86 -6.54
N ALA B 301 -4.31 -13.73 -5.54
CA ALA B 301 -3.06 -14.49 -5.41
C ALA B 301 -2.87 -15.36 -6.65
N ILE B 302 -3.89 -16.12 -7.06
CA ILE B 302 -3.81 -17.07 -8.21
C ILE B 302 -3.56 -16.30 -9.53
N ALA B 303 -4.17 -15.12 -9.70
CA ALA B 303 -3.98 -14.23 -10.87
C ALA B 303 -2.52 -13.75 -10.92
N ASN B 304 -1.82 -13.65 -9.77
CA ASN B 304 -0.40 -13.21 -9.66
C ASN B 304 0.55 -14.39 -9.63
N GLY B 305 0.09 -15.60 -9.92
CA GLY B 305 0.96 -16.77 -10.04
C GLY B 305 1.21 -17.50 -8.74
N CYS B 306 0.56 -17.11 -7.63
CA CYS B 306 0.65 -17.85 -6.35
C CYS B 306 -0.23 -19.11 -6.41
N ALA B 307 0.16 -20.17 -5.73
CA ALA B 307 -0.71 -21.32 -5.41
C ALA B 307 -1.38 -20.97 -4.08
N PHE B 308 -2.61 -21.42 -3.89
CA PHE B 308 -3.42 -21.18 -2.68
C PHE B 308 -3.54 -22.52 -1.97
N LEU B 309 -3.09 -22.56 -0.73
CA LEU B 309 -3.30 -23.70 0.19
C LEU B 309 -4.65 -23.44 0.87
N ASN B 310 -5.63 -24.25 0.52
CA ASN B 310 -7.10 -24.05 0.77
C ASN B 310 -7.57 -25.08 1.80
N PRO B 311 -7.77 -24.70 3.07
CA PRO B 311 -8.23 -25.65 4.08
C PRO B 311 -9.55 -26.35 3.72
N LYS B 312 -9.52 -27.67 3.76
CA LYS B 312 -10.64 -28.57 3.42
C LYS B 312 -11.54 -28.74 4.64
N PHE B 313 -12.86 -28.63 4.44
CA PHE B 313 -13.88 -28.78 5.50
C PHE B 313 -14.61 -30.11 5.31
N ASN B 314 -14.34 -31.07 6.20
CA ASN B 314 -15.09 -32.34 6.35
C ASN B 314 -15.37 -32.48 7.86
N PRO B 315 -16.63 -32.30 8.32
CA PRO B 315 -17.79 -32.06 7.45
C PRO B 315 -17.75 -30.66 6.87
N PRO B 316 -18.46 -30.42 5.75
CA PRO B 316 -18.54 -29.07 5.18
C PRO B 316 -19.21 -28.13 6.19
N LYS B 317 -18.85 -26.86 6.11
CA LYS B 317 -19.34 -25.83 7.04
C LYS B 317 -20.62 -25.19 6.50
N SER B 318 -21.61 -25.01 7.37
CA SER B 318 -22.94 -24.49 6.98
C SER B 318 -23.58 -23.80 8.17
N SER B 319 -24.72 -23.19 7.88
CA SER B 319 -25.62 -22.57 8.89
C SER B 319 -26.04 -23.60 9.94
N LYS B 320 -25.84 -24.90 9.66
CA LYS B 320 -26.20 -26.00 10.59
C LYS B 320 -25.12 -26.28 11.63
N ASN B 321 -23.86 -25.86 11.46
CA ASN B 321 -22.76 -26.40 12.31
C ASN B 321 -21.65 -25.40 12.55
N THR B 322 -21.78 -24.16 12.07
CA THR B 322 -20.71 -23.14 12.12
C THR B 322 -21.31 -21.82 12.54
N ASP B 323 -20.82 -21.27 13.65
CA ASP B 323 -21.41 -20.07 14.28
C ASP B 323 -21.54 -18.94 13.24
N PHE B 324 -20.49 -18.72 12.44
CA PHE B 324 -20.43 -17.62 11.45
C PHE B 324 -21.66 -17.68 10.52
N PHE B 325 -22.14 -18.89 10.17
CA PHE B 325 -23.21 -19.13 9.17
C PHE B 325 -24.60 -19.18 9.80
N ILE B 326 -24.70 -19.32 11.13
CA ILE B 326 -26.03 -19.49 11.79
C ILE B 326 -26.84 -18.25 11.48
N GLY B 327 -28.07 -18.41 11.04
CA GLY B 327 -28.93 -17.23 10.73
C GLY B 327 -28.78 -16.81 9.28
N LYS B 328 -27.82 -17.40 8.52
CA LYS B 328 -27.66 -17.06 7.08
C LYS B 328 -28.78 -17.77 6.32
N PRO B 329 -29.34 -17.10 5.26
CA PRO B 329 -30.51 -17.58 4.57
C PRO B 329 -30.23 -18.70 3.55
N THR B 330 -29.46 -19.68 3.95
CA THR B 330 -29.07 -20.81 3.08
C THR B 330 -28.62 -21.98 3.95
N LEU B 331 -28.83 -23.19 3.47
CA LEU B 331 -28.26 -24.46 3.99
C LEU B 331 -27.05 -24.91 3.17
N ARG B 332 -26.56 -24.06 2.25
CA ARG B 332 -25.40 -24.41 1.41
C ARG B 332 -24.20 -24.76 2.31
N GLU B 333 -23.52 -25.83 1.96
CA GLU B 333 -22.35 -26.38 2.70
C GLU B 333 -21.05 -26.01 1.97
N LEU B 334 -20.11 -25.39 2.66
CA LEU B 334 -18.78 -25.04 2.09
C LEU B 334 -17.82 -26.20 2.32
N THR B 335 -17.26 -26.74 1.26
CA THR B 335 -16.35 -27.91 1.34
C THR B 335 -14.90 -27.47 1.62
N SER B 336 -14.63 -26.17 1.71
CA SER B 336 -13.27 -25.62 1.91
C SER B 336 -13.42 -24.15 2.21
N GLN B 337 -12.31 -23.48 2.52
CA GLN B 337 -12.34 -22.02 2.79
C GLN B 337 -12.88 -21.28 1.55
N HIS B 338 -12.53 -21.76 0.36
CA HIS B 338 -12.88 -21.11 -0.94
C HIS B 338 -13.33 -22.18 -1.92
N PRO B 339 -14.62 -22.59 -1.84
CA PRO B 339 -15.07 -23.69 -2.69
C PRO B 339 -15.04 -23.37 -4.20
N TYR B 340 -15.20 -22.10 -4.59
CA TYR B 340 -15.04 -21.73 -6.02
C TYR B 340 -13.62 -22.09 -6.49
N ALA B 341 -12.61 -21.66 -5.74
CA ALA B 341 -11.19 -21.94 -6.01
C ALA B 341 -11.02 -23.48 -6.08
N GLU B 342 -11.57 -24.19 -5.12
CA GLU B 342 -11.44 -25.65 -5.04
C GLU B 342 -12.04 -26.26 -6.30
N VAL B 343 -13.26 -25.91 -6.64
CA VAL B 343 -14.09 -26.68 -7.61
C VAL B 343 -13.87 -26.14 -9.03
N PHE B 344 -13.78 -24.83 -9.20
CA PHE B 344 -13.71 -24.23 -10.56
C PHE B 344 -12.27 -24.00 -11.00
N ILE B 345 -11.29 -24.01 -10.10
CA ILE B 345 -9.88 -23.79 -10.47
C ILE B 345 -9.09 -25.07 -10.20
N GLY B 346 -8.94 -25.45 -8.93
CA GLY B 346 -8.27 -26.71 -8.60
C GLY B 346 -6.78 -26.66 -8.79
N ARG B 347 -6.14 -27.82 -8.69
CA ARG B 347 -4.66 -27.92 -8.80
C ARG B 347 -4.28 -27.58 -10.23
N PRO B 348 -3.09 -26.99 -10.49
CA PRO B 348 -2.06 -26.76 -9.49
C PRO B 348 -2.19 -25.43 -8.70
N HIS B 349 -3.13 -24.60 -9.10
CA HIS B 349 -3.32 -23.24 -8.53
C HIS B 349 -3.84 -23.31 -7.10
N VAL B 350 -4.62 -24.35 -6.77
CA VAL B 350 -5.36 -24.49 -5.50
C VAL B 350 -5.17 -25.91 -5.01
N TRP B 351 -4.58 -26.02 -3.83
CA TRP B 351 -4.39 -27.32 -3.14
C TRP B 351 -5.32 -27.34 -1.95
N THR B 352 -6.35 -28.16 -2.02
CA THR B 352 -7.40 -28.25 -0.98
C THR B 352 -7.01 -29.41 -0.07
N VAL B 353 -6.61 -29.09 1.15
CA VAL B 353 -5.96 -30.05 2.06
C VAL B 353 -6.58 -29.95 3.46
N ASP B 354 -6.64 -31.12 4.09
CA ASP B 354 -6.89 -31.26 5.53
C ASP B 354 -5.68 -30.70 6.28
N LEU B 355 -5.84 -29.53 6.89
CA LEU B 355 -4.86 -28.80 7.73
C LEU B 355 -4.27 -29.73 8.81
N ASN B 356 -5.00 -30.76 9.25
CA ASN B 356 -4.62 -31.68 10.35
C ASN B 356 -3.82 -32.85 9.79
N ASN B 357 -3.87 -33.07 8.47
CA ASN B 357 -3.19 -34.22 7.82
C ASN B 357 -1.77 -33.76 7.45
N GLN B 358 -0.83 -33.95 8.35
CA GLN B 358 0.56 -33.46 8.22
C GLN B 358 1.18 -34.00 6.93
N GLU B 359 0.97 -35.27 6.60
CA GLU B 359 1.51 -35.89 5.36
C GLU B 359 0.96 -35.13 4.15
N GLU B 360 -0.35 -34.87 4.10
CA GLU B 360 -1.04 -34.21 2.96
C GLU B 360 -0.54 -32.77 2.82
N VAL B 361 -0.40 -32.04 3.93
CA VAL B 361 0.13 -30.65 3.95
C VAL B 361 1.58 -30.65 3.44
N GLU B 362 2.40 -31.58 3.90
CA GLU B 362 3.84 -31.61 3.50
C GLU B 362 3.91 -31.96 2.02
N ASP B 363 3.15 -32.96 1.56
CA ASP B 363 3.09 -33.33 0.14
C ASP B 363 2.69 -32.11 -0.71
N ALA B 364 1.69 -31.33 -0.27
CA ALA B 364 1.17 -30.14 -0.98
C ALA B 364 2.28 -29.09 -1.05
N VAL B 365 2.96 -28.82 0.06
CA VAL B 365 3.98 -27.71 0.12
C VAL B 365 5.17 -28.09 -0.77
N LYS B 366 5.60 -29.35 -0.72
CA LYS B 366 6.69 -29.87 -1.58
C LYS B 366 6.30 -29.77 -3.05
N ALA B 367 5.05 -30.13 -3.40
CA ALA B 367 4.53 -30.01 -4.78
C ALA B 367 4.60 -28.55 -5.22
N ILE B 368 4.02 -27.65 -4.42
CA ILE B 368 3.92 -26.22 -4.79
C ILE B 368 5.31 -25.65 -5.01
N LEU B 369 6.25 -25.96 -4.11
CA LEU B 369 7.67 -25.52 -4.20
C LEU B 369 8.22 -25.89 -5.60
N ASN B 370 7.85 -27.06 -6.10
CA ASN B 370 8.35 -27.64 -7.37
C ASN B 370 7.44 -27.29 -8.56
N GLN B 371 6.37 -26.52 -8.37
CA GLN B 371 5.45 -26.16 -9.46
C GLN B 371 6.04 -25.07 -10.35
N LYS B 372 5.77 -25.18 -11.66
CA LYS B 372 5.92 -24.09 -12.64
C LYS B 372 4.85 -23.01 -12.35
N ILE B 373 5.22 -21.75 -12.48
CA ILE B 373 4.32 -20.61 -12.19
C ILE B 373 3.43 -20.41 -13.42
N GLU B 374 2.11 -20.43 -13.24
CA GLU B 374 1.10 -20.26 -14.30
C GLU B 374 0.03 -19.28 -13.80
N PRO B 375 0.21 -17.96 -13.95
CA PRO B 375 -0.83 -17.03 -13.53
C PRO B 375 -2.14 -17.42 -14.23
N TYR B 376 -3.27 -17.38 -13.51
CA TYR B 376 -4.58 -17.80 -14.08
C TYR B 376 -5.67 -16.92 -13.47
N MET B 377 -6.63 -16.54 -14.30
CA MET B 377 -7.87 -15.82 -13.88
C MET B 377 -9.00 -16.34 -14.73
N PRO B 378 -10.13 -16.80 -14.14
CA PRO B 378 -11.30 -17.19 -14.93
C PRO B 378 -11.81 -15.95 -15.66
N TYR B 379 -12.27 -16.13 -16.89
CA TYR B 379 -12.79 -15.03 -17.75
C TYR B 379 -13.83 -14.21 -16.95
N GLU B 380 -14.72 -14.90 -16.24
CA GLU B 380 -15.83 -14.23 -15.51
C GLU B 380 -15.30 -13.27 -14.45
N PHE B 381 -14.03 -13.38 -14.00
CA PHE B 381 -13.44 -12.43 -13.01
C PHE B 381 -12.49 -11.44 -13.70
N THR B 382 -12.54 -11.30 -15.03
CA THR B 382 -11.83 -10.23 -15.79
C THR B 382 -12.76 -9.05 -15.95
N CYS B 383 -12.20 -7.88 -16.26
CA CYS B 383 -12.98 -6.66 -16.58
C CYS B 383 -13.97 -6.97 -17.70
N GLU B 384 -13.52 -7.58 -18.81
CA GLU B 384 -14.41 -7.79 -19.96
C GLU B 384 -15.47 -8.86 -19.58
N GLY B 385 -15.07 -9.90 -18.86
CA GLY B 385 -16.00 -10.93 -18.39
C GLY B 385 -17.11 -10.33 -17.52
N MET B 386 -16.75 -9.46 -16.58
CA MET B 386 -17.75 -8.83 -15.70
C MET B 386 -18.65 -7.88 -16.50
N LEU B 387 -18.07 -7.07 -17.38
CA LEU B 387 -18.86 -6.16 -18.24
C LEU B 387 -19.84 -6.97 -19.08
N GLN B 388 -19.41 -8.07 -19.69
CA GLN B 388 -20.31 -8.88 -20.52
C GLN B 388 -21.50 -9.41 -19.69
N ARG B 389 -21.21 -9.93 -18.49
CA ARG B 389 -22.19 -10.55 -17.57
C ARG B 389 -23.20 -9.50 -17.08
N ILE B 390 -22.72 -8.38 -16.57
CA ILE B 390 -23.65 -7.34 -16.03
C ILE B 390 -24.43 -6.69 -17.19
N ASN B 391 -23.81 -6.46 -18.32
CA ASN B 391 -24.53 -5.92 -19.50
C ASN B 391 -25.67 -6.87 -19.86
N ALA B 392 -25.42 -8.18 -19.91
CA ALA B 392 -26.46 -9.15 -20.25
C ALA B 392 -27.59 -9.09 -19.22
N PHE B 393 -27.25 -9.05 -17.94
CA PHE B 393 -28.30 -8.98 -16.89
C PHE B 393 -29.12 -7.71 -17.08
N ILE B 394 -28.47 -6.57 -17.32
CA ILE B 394 -29.20 -5.28 -17.45
C ILE B 394 -30.16 -5.34 -18.64
N GLU B 395 -29.71 -5.93 -19.74
CA GLU B 395 -30.47 -5.85 -21.00
C GLU B 395 -31.53 -6.93 -21.02
N LYS B 396 -31.26 -8.10 -20.45
CA LYS B 396 -32.05 -9.32 -20.69
C LYS B 396 -32.81 -9.82 -19.45
N GLN B 397 -32.33 -9.59 -18.24
CA GLN B 397 -32.96 -10.15 -17.01
C GLN B 397 -34.09 -9.22 -16.59
N ASP B 398 -35.33 -9.71 -16.65
CA ASP B 398 -36.55 -8.87 -16.40
C ASP B 398 -37.48 -9.64 -15.49
N PHE B 399 -37.78 -9.10 -14.34
CA PHE B 399 -38.73 -9.68 -13.37
C PHE B 399 -40.03 -8.85 -13.41
N CYS B 400 -40.09 -7.81 -14.24
CA CYS B 400 -41.21 -6.82 -14.24
C CYS B 400 -42.28 -7.13 -15.31
N HIS B 401 -42.17 -8.19 -16.10
CA HIS B 401 -43.11 -8.39 -17.25
C HIS B 401 -43.47 -9.87 -17.36
N MET B 405 -38.61 -13.64 -22.68
CA MET B 405 -38.21 -14.85 -21.90
C MET B 405 -36.68 -15.04 -22.01
N TRP B 406 -36.00 -15.00 -20.86
CA TRP B 406 -34.52 -15.10 -20.79
C TRP B 406 -34.11 -15.69 -19.46
N PRO B 407 -33.27 -16.74 -19.43
CA PRO B 407 -32.77 -17.39 -20.66
C PRO B 407 -33.83 -18.02 -21.57
N PRO B 408 -33.53 -18.16 -22.88
CA PRO B 408 -34.50 -18.68 -23.81
C PRO B 408 -34.73 -20.16 -23.53
N LEU B 409 -35.93 -20.65 -23.83
CA LEU B 409 -36.36 -22.03 -23.52
C LEU B 409 -35.55 -23.04 -24.34
N SER B 410 -34.88 -22.60 -25.43
CA SER B 410 -33.95 -23.44 -26.24
C SER B 410 -32.81 -23.99 -25.38
N ALA B 411 -32.45 -23.28 -24.31
CA ALA B 411 -31.36 -23.64 -23.37
C ALA B 411 -31.78 -24.78 -22.45
N LEU B 412 -33.09 -25.03 -22.30
CA LEU B 412 -33.62 -26.00 -21.29
C LEU B 412 -33.12 -27.40 -21.62
N GLN B 413 -32.44 -28.03 -20.69
CA GLN B 413 -32.17 -29.48 -20.74
C GLN B 413 -32.64 -30.06 -19.41
N VAL B 414 -33.57 -31.01 -19.46
CA VAL B 414 -34.22 -31.56 -18.24
C VAL B 414 -33.42 -32.78 -17.81
N LYS B 415 -33.17 -32.85 -16.50
CA LYS B 415 -32.44 -33.98 -15.88
C LYS B 415 -33.25 -34.46 -14.69
N LEU B 416 -33.21 -35.76 -14.44
CA LEU B 416 -33.85 -36.38 -13.26
C LEU B 416 -32.77 -36.61 -12.22
N ALA B 417 -32.85 -35.88 -11.10
CA ALA B 417 -32.03 -36.09 -9.89
C ALA B 417 -32.47 -37.40 -9.24
N GLU B 418 -31.52 -38.24 -8.85
CA GLU B 418 -31.82 -39.48 -8.09
C GLU B 418 -32.23 -39.07 -6.68
N PRO B 419 -32.90 -39.96 -5.92
CA PRO B 419 -33.17 -39.70 -4.51
C PRO B 419 -31.84 -39.37 -3.83
N GLY B 420 -31.84 -38.32 -3.00
CA GLY B 420 -30.65 -37.88 -2.26
C GLY B 420 -29.78 -36.92 -3.06
N GLN B 421 -30.15 -36.65 -4.32
CA GLN B 421 -29.45 -35.70 -5.22
C GLN B 421 -30.31 -34.45 -5.43
N SER B 422 -29.73 -33.24 -5.31
CA SER B 422 -30.42 -31.94 -5.53
C SER B 422 -30.45 -31.64 -7.04
N CYS B 423 -31.29 -30.71 -7.46
CA CYS B 423 -31.28 -30.24 -8.87
C CYS B 423 -29.93 -29.54 -9.15
N LYS B 424 -29.38 -28.79 -8.22
CA LYS B 424 -28.03 -28.16 -8.36
C LYS B 424 -27.02 -29.25 -8.78
N GLN B 425 -27.03 -30.38 -8.05
CA GLN B 425 -26.05 -31.50 -8.21
C GLN B 425 -26.20 -32.18 -9.58
N VAL B 426 -27.42 -32.53 -9.98
CA VAL B 426 -27.63 -33.34 -11.22
C VAL B 426 -27.26 -32.50 -12.45
N CYS B 427 -27.56 -31.20 -12.44
CA CYS B 427 -27.13 -30.32 -13.55
C CYS B 427 -25.59 -30.30 -13.58
N GLN B 428 -24.96 -30.01 -12.44
CA GLN B 428 -23.49 -29.85 -12.33
C GLN B 428 -22.80 -31.15 -12.83
N GLU B 429 -23.38 -32.29 -12.49
CA GLU B 429 -22.81 -33.63 -12.82
C GLU B 429 -22.74 -33.82 -14.33
N SER B 430 -23.54 -33.09 -15.10
CA SER B 430 -23.59 -33.16 -16.57
C SER B 430 -22.86 -31.99 -17.21
N GLN B 431 -22.07 -31.24 -16.42
CA GLN B 431 -21.41 -29.98 -16.84
C GLN B 431 -22.45 -28.97 -17.33
N LEU B 432 -23.61 -28.94 -16.67
CA LEU B 432 -24.64 -27.89 -16.85
C LEU B 432 -24.80 -27.14 -15.53
N ILE B 433 -25.76 -26.23 -15.48
CA ILE B 433 -26.15 -25.52 -14.23
C ILE B 433 -27.68 -25.44 -14.16
N CYS B 434 -28.24 -25.56 -12.97
CA CYS B 434 -29.68 -25.47 -12.73
C CYS B 434 -30.13 -24.04 -13.14
N GLU B 435 -31.24 -23.97 -13.85
CA GLU B 435 -31.81 -22.67 -14.32
C GLU B 435 -33.24 -22.56 -13.80
N PRO B 436 -33.43 -21.91 -12.65
CA PRO B 436 -34.73 -21.93 -11.97
C PRO B 436 -35.87 -21.28 -12.78
N SER B 437 -35.57 -20.40 -13.73
CA SER B 437 -36.59 -19.70 -14.56
C SER B 437 -37.34 -20.70 -15.45
N PHE B 438 -36.84 -21.93 -15.61
CA PHE B 438 -37.48 -22.99 -16.44
C PHE B 438 -38.36 -23.94 -15.62
N PHE B 439 -38.44 -23.83 -14.30
CA PHE B 439 -39.29 -24.72 -13.45
C PHE B 439 -40.75 -24.66 -13.91
N GLN B 440 -41.25 -23.47 -14.26
CA GLN B 440 -42.62 -23.19 -14.73
C GLN B 440 -42.98 -24.07 -15.95
N HIS B 441 -42.03 -24.40 -16.81
CA HIS B 441 -42.25 -25.25 -18.02
C HIS B 441 -42.25 -26.73 -17.66
N LEU B 442 -41.90 -27.10 -16.43
CA LEU B 442 -41.74 -28.53 -16.02
C LEU B 442 -42.83 -28.93 -15.02
N ASN B 443 -43.92 -28.16 -14.92
CA ASN B 443 -44.86 -28.28 -13.79
C ASN B 443 -46.27 -28.74 -14.20
N LYS B 444 -46.43 -29.56 -15.24
CA LYS B 444 -47.77 -30.15 -15.53
C LYS B 444 -47.61 -31.36 -16.46
N ASP B 445 -48.56 -32.30 -16.36
CA ASP B 445 -48.53 -33.66 -16.97
C ASP B 445 -48.04 -33.56 -18.41
N LYS B 446 -48.66 -32.67 -19.21
CA LYS B 446 -48.46 -32.59 -20.69
C LYS B 446 -47.08 -32.02 -21.02
N ASP B 447 -46.57 -31.17 -20.12
CA ASP B 447 -45.22 -30.57 -20.19
C ASP B 447 -44.15 -31.67 -20.01
N MET B 448 -44.36 -32.60 -19.06
CA MET B 448 -43.44 -33.73 -18.77
C MET B 448 -43.26 -34.63 -19.99
N LEU B 449 -44.31 -34.82 -20.80
CA LEU B 449 -44.31 -35.69 -22.01
C LEU B 449 -43.19 -35.21 -22.93
N LYS B 450 -43.13 -33.90 -23.16
CA LYS B 450 -42.14 -33.24 -24.05
C LYS B 450 -40.71 -33.65 -23.66
N TYR B 451 -40.52 -34.31 -22.50
CA TYR B 451 -39.21 -34.68 -21.89
C TYR B 451 -39.21 -36.13 -21.39
N LYS B 452 -40.05 -36.99 -21.98
CA LYS B 452 -40.02 -38.47 -21.79
C LYS B 452 -40.31 -38.86 -20.33
N VAL B 453 -41.05 -38.02 -19.60
CA VAL B 453 -41.62 -38.36 -18.26
C VAL B 453 -43.14 -38.42 -18.43
N THR B 454 -43.73 -39.61 -18.26
CA THR B 454 -45.20 -39.83 -18.35
C THR B 454 -45.76 -40.07 -16.94
N CYS B 455 -46.64 -39.16 -16.50
CA CYS B 455 -47.30 -39.21 -15.17
C CYS B 455 -48.58 -40.05 -15.27
N GLN B 456 -48.59 -41.27 -14.71
CA GLN B 456 -49.82 -42.12 -14.64
C GLN B 456 -50.83 -41.41 -13.74
N SER B 457 -50.39 -41.01 -12.53
CA SER B 457 -51.14 -40.10 -11.63
C SER B 457 -50.31 -38.84 -11.36
N SER B 458 -50.90 -37.88 -10.64
CA SER B 458 -50.24 -36.64 -10.20
C SER B 458 -51.01 -36.02 -9.03
N GLU B 459 -50.35 -35.20 -8.22
CA GLU B 459 -50.98 -34.29 -7.20
C GLU B 459 -50.18 -32.98 -7.14
N LEU B 460 -50.60 -32.06 -6.26
CA LEU B 460 -49.89 -30.80 -5.97
C LEU B 460 -49.39 -30.86 -4.53
N ALA B 461 -48.21 -30.29 -4.30
CA ALA B 461 -47.61 -30.07 -2.97
C ALA B 461 -46.94 -28.69 -3.00
N LYS B 462 -46.99 -27.98 -1.88
CA LYS B 462 -46.19 -26.76 -1.63
C LYS B 462 -44.93 -27.19 -0.88
N ASP B 463 -43.86 -27.42 -1.62
CA ASP B 463 -42.60 -28.03 -1.13
C ASP B 463 -41.48 -27.65 -2.10
N ILE B 464 -40.30 -27.36 -1.56
CA ILE B 464 -39.10 -27.03 -2.37
C ILE B 464 -38.65 -28.25 -3.17
N LEU B 465 -39.15 -29.48 -2.88
CA LEU B 465 -38.62 -30.71 -3.54
C LEU B 465 -39.41 -31.15 -4.77
N VAL B 466 -40.41 -30.39 -5.20
CA VAL B 466 -41.27 -30.72 -6.36
C VAL B 466 -41.09 -29.66 -7.44
N PRO B 467 -41.21 -30.00 -8.74
CA PRO B 467 -41.70 -31.30 -9.20
C PRO B 467 -40.85 -32.55 -8.94
N SER B 468 -41.52 -33.61 -8.48
CA SER B 468 -40.94 -34.94 -8.19
C SER B 468 -41.65 -36.01 -9.02
N PHE B 469 -40.96 -37.14 -9.18
CA PHE B 469 -41.37 -38.29 -10.02
C PHE B 469 -41.06 -39.56 -9.25
N ASP B 470 -42.10 -40.34 -8.98
CA ASP B 470 -41.97 -41.72 -8.47
C ASP B 470 -41.97 -42.62 -9.70
N PRO B 471 -40.80 -43.14 -10.13
CA PRO B 471 -40.74 -43.98 -11.33
C PRO B 471 -41.26 -45.41 -11.12
N LYS B 472 -41.47 -45.80 -9.86
CA LYS B 472 -42.11 -47.09 -9.44
C LYS B 472 -43.60 -47.03 -9.80
N ASN B 473 -44.30 -45.99 -9.32
CA ASN B 473 -45.76 -45.75 -9.44
C ASN B 473 -46.07 -44.85 -10.64
N LYS B 474 -45.05 -44.26 -11.29
CA LYS B 474 -45.18 -43.20 -12.33
C LYS B 474 -46.02 -42.03 -11.82
N HIS B 475 -45.94 -41.75 -10.51
CA HIS B 475 -46.66 -40.65 -9.82
C HIS B 475 -45.82 -39.36 -9.88
N CYS B 476 -46.43 -38.26 -10.34
CA CYS B 476 -45.87 -36.90 -10.39
C CYS B 476 -46.48 -36.02 -9.29
N VAL B 477 -45.65 -35.44 -8.44
CA VAL B 477 -46.09 -34.33 -7.55
C VAL B 477 -45.60 -33.02 -8.18
N PHE B 478 -46.51 -32.07 -8.34
CA PHE B 478 -46.29 -30.78 -9.02
C PHE B 478 -46.29 -29.69 -7.96
N GLN B 479 -45.68 -28.55 -8.30
CA GLN B 479 -45.48 -27.42 -7.37
C GLN B 479 -46.79 -26.64 -7.32
N GLY B 480 -47.29 -26.41 -6.12
CA GLY B 480 -48.50 -25.61 -5.86
C GLY B 480 -48.16 -24.22 -5.40
N ASP B 481 -46.92 -23.95 -5.01
CA ASP B 481 -46.50 -22.58 -4.62
C ASP B 481 -45.29 -22.23 -5.48
N LEU B 482 -45.48 -21.38 -6.47
CA LEU B 482 -44.42 -21.11 -7.46
C LEU B 482 -43.22 -20.43 -6.81
N LEU B 483 -43.39 -19.78 -5.67
CA LEU B 483 -42.25 -19.18 -4.92
C LEU B 483 -41.37 -20.26 -4.26
N LEU B 484 -41.79 -21.52 -4.22
CA LEU B 484 -40.99 -22.60 -3.60
C LEU B 484 -40.17 -23.39 -4.63
N PHE B 485 -40.19 -23.05 -5.91
CA PHE B 485 -39.28 -23.68 -6.89
C PHE B 485 -37.82 -23.50 -6.41
N SER B 486 -37.03 -24.56 -6.44
CA SER B 486 -35.71 -24.62 -5.74
C SER B 486 -34.74 -25.57 -6.43
N CYS B 487 -33.64 -25.03 -6.94
CA CYS B 487 -32.48 -25.86 -7.36
C CYS B 487 -31.92 -26.63 -6.16
N ALA B 488 -31.87 -25.97 -5.01
CA ALA B 488 -31.42 -26.51 -3.71
C ALA B 488 -32.41 -27.58 -3.23
N GLY B 489 -31.89 -28.64 -2.62
CA GLY B 489 -32.75 -29.64 -1.95
C GLY B 489 -32.78 -30.96 -2.69
N ALA B 490 -32.67 -32.07 -1.93
CA ALA B 490 -32.67 -33.45 -2.47
C ALA B 490 -33.91 -34.18 -1.97
N HIS B 491 -34.64 -34.88 -2.84
CA HIS B 491 -35.80 -35.70 -2.43
C HIS B 491 -35.23 -36.95 -1.77
N PRO B 492 -35.73 -37.32 -0.56
CA PRO B 492 -35.31 -38.54 0.11
C PRO B 492 -35.72 -39.86 -0.58
N ARG B 493 -36.85 -39.88 -1.30
CA ARG B 493 -37.49 -41.13 -1.83
C ARG B 493 -37.57 -41.09 -3.36
N HIS B 494 -37.96 -39.95 -3.94
CA HIS B 494 -38.32 -39.84 -5.37
C HIS B 494 -37.18 -39.18 -6.15
N GLN B 495 -37.33 -39.17 -7.47
CA GLN B 495 -36.53 -38.38 -8.43
C GLN B 495 -37.07 -36.95 -8.45
N ARG B 496 -36.19 -35.97 -8.60
CA ARG B 496 -36.60 -34.57 -8.86
C ARG B 496 -36.52 -34.33 -10.37
N VAL B 497 -37.50 -33.63 -10.92
CA VAL B 497 -37.48 -33.18 -12.33
C VAL B 497 -36.78 -31.84 -12.36
N CYS B 498 -35.63 -31.75 -13.00
CA CYS B 498 -34.67 -30.62 -12.80
C CYS B 498 -34.45 -29.86 -14.09
N PRO B 499 -34.58 -28.51 -14.03
CA PRO B 499 -34.25 -27.65 -15.17
C PRO B 499 -32.77 -27.24 -15.18
N CYS B 500 -32.03 -27.72 -16.17
CA CYS B 500 -30.62 -27.34 -16.39
C CYS B 500 -30.53 -26.46 -17.64
N ARG B 501 -29.45 -25.72 -17.73
CA ARG B 501 -29.03 -25.00 -18.95
C ARG B 501 -27.54 -25.23 -19.15
N ASP B 502 -27.10 -25.05 -20.38
CA ASP B 502 -25.67 -24.92 -20.69
C ASP B 502 -25.17 -23.59 -20.16
N PHE B 503 -23.85 -23.49 -20.08
CA PHE B 503 -23.13 -22.27 -19.72
C PHE B 503 -21.88 -22.18 -20.59
N ILE B 504 -21.51 -20.95 -20.90
CA ILE B 504 -20.18 -20.59 -21.46
C ILE B 504 -19.09 -20.91 -20.40
N LYS B 505 -18.13 -21.78 -20.71
CA LYS B 505 -16.97 -22.08 -19.82
C LYS B 505 -16.27 -20.75 -19.55
N GLY B 506 -15.93 -20.51 -18.28
CA GLY B 506 -15.40 -19.24 -17.80
C GLY B 506 -16.46 -18.16 -17.66
N GLN B 507 -17.73 -18.40 -18.01
CA GLN B 507 -18.85 -17.40 -17.86
C GLN B 507 -20.14 -18.17 -17.51
N VAL B 508 -20.18 -18.80 -16.32
CA VAL B 508 -21.26 -19.74 -15.92
C VAL B 508 -22.59 -19.01 -15.80
N ALA B 509 -22.61 -17.69 -15.58
CA ALA B 509 -23.83 -16.88 -15.47
C ALA B 509 -24.66 -16.92 -16.77
N LEU B 510 -24.03 -17.21 -17.92
CA LEU B 510 -24.68 -17.01 -19.25
C LEU B 510 -24.71 -18.32 -20.02
N CYS B 511 -25.87 -18.68 -20.57
CA CYS B 511 -26.06 -19.81 -21.52
C CYS B 511 -25.46 -19.38 -22.87
N LYS B 512 -25.12 -20.34 -23.72
CA LYS B 512 -24.50 -20.05 -25.06
C LYS B 512 -25.37 -19.05 -25.84
N ASP B 513 -26.71 -19.12 -25.74
CA ASP B 513 -27.66 -18.27 -26.52
C ASP B 513 -28.19 -17.12 -25.66
N CYS B 514 -27.47 -16.65 -24.66
CA CYS B 514 -28.00 -15.66 -23.67
C CYS B 514 -27.48 -14.25 -23.95
N LEU B 515 -26.56 -14.08 -24.89
CA LEU B 515 -25.99 -12.73 -25.18
C LEU B 515 -27.02 -11.82 -25.89
#